data_6P4U
#
_entry.id   6P4U
#
_cell.length_a   154.232
_cell.length_b   90.828
_cell.length_c   98.463
_cell.angle_alpha   90.000
_cell.angle_beta   106.100
_cell.angle_gamma   90.000
#
_symmetry.space_group_name_H-M   'C 1 2 1'
#
loop_
_entity.id
_entity.type
_entity.pdbx_description
1 polymer Txo1
2 non-polymer 'ADENOSINE MONOPHOSPHATE'
3 non-polymer 'MAGNESIUM ION'
4 non-polymer 'SULFATE ION'
5 non-polymer 'CHLORIDE ION'
6 non-polymer 'ACETATE ION'
7 non-polymer GLYCEROL
8 non-polymer 'FORMIC ACID'
9 water water
#
_entity_poly.entity_id   1
_entity_poly.type   'polypeptide(L)'
_entity_poly.pdbx_seq_one_letter_code
;SNAPLSFAQQRLWFIAQMSREASGAYHVPGGLRLRGELDEVALRAALDRIMARHEVLRTRFEWHEGEPVQCIDAEARFPL
VRQELEGEAAELAHWQQVEARSPFDLGTGPLIRGRLLKLGAQEHVLLLTMHHIVSDGWSMSVLAHELGTLYRAYAQEGTA
PEVDPLPALPLQYADYALWQRRWLDGERQQRQLAYWQQQLAGAPALVSLPTDRPRPALQDYRGDSIELTFDAGLSQGLRA
LSQRHGTTLYMTVLAAWAALVARLAGQPEVVIGTPVANRQRAELEGLIGFFVNTLALRVDLGGEPSVAGLLAQVRERVLA
AQSHQDLPFEQVVEALKPERSLSHSPVFQLMLSWESSPPHALQMSPLRARPLAPVRERSAQFDLSLHLHEAADGTVAGSL
TYASALYERETVQRHAGYLKALLAGMVADDTQPVQRIGILGEAERHRLLVEWNDTAREHPRTVCVHELFEQQVERSPDAV
ALVYEGQQLSYRELDRQANRLARQLKALGVGPDERVAVCTERCLEMVVALLAVLKAGGAYVPLDPGYPAERLEYMLADSA
PKVLLRQSGQTLEPGAGVAVLALDGEASQPWQAQPAQRLSRDDSGVQPHHLAYVIYTSGSTGRPKGVMVEHAGVVNRLLW
MQRAYGLQPQEAVLQKTPFGFDVSVWEFFWPLAVGARLVMARPQGQQDPAYLVETIVGQDIGTLHFVPSMLQAFVDSEGV
QRCRGVRRIVCSGEALPGALARRLRQQLPQVELHNLYGPTEATVDVTAWACDAAELPDNIPIGRPVDNTTMYVLDAHGQP
VPTGVAGEIHIGGVQVARGYLGRPELTRERFVPDPYAGRPGARLYKTGDLGRWLLDGTLEYLGRNDHQVKIRG
;
_entity_poly.pdbx_strand_id   A
#
loop_
_chem_comp.id
_chem_comp.type
_chem_comp.name
_chem_comp.formula
ACT non-polymer 'ACETATE ION' 'C2 H3 O2 -1'
AMP non-polymer 'ADENOSINE MONOPHOSPHATE' 'C10 H14 N5 O7 P'
CL non-polymer 'CHLORIDE ION' 'Cl -1'
FMT non-polymer 'FORMIC ACID' 'C H2 O2'
GOL non-polymer GLYCEROL 'C3 H8 O3'
MG non-polymer 'MAGNESIUM ION' 'Mg 2'
SO4 non-polymer 'SULFATE ION' 'O4 S -2'
#
# COMPACT_ATOMS: atom_id res chain seq x y z
N ALA A 3 -22.40 2.86 -17.25
CA ALA A 3 -21.95 3.82 -18.25
C ALA A 3 -21.08 4.90 -17.63
N PRO A 4 -19.79 4.90 -17.96
CA PRO A 4 -18.88 5.88 -17.37
C PRO A 4 -19.10 7.27 -17.94
N LEU A 5 -18.83 8.27 -17.10
CA LEU A 5 -18.89 9.66 -17.54
C LEU A 5 -17.63 10.02 -18.31
N SER A 6 -17.76 11.02 -19.17
CA SER A 6 -16.60 11.52 -19.89
C SER A 6 -15.67 12.25 -18.91
N PHE A 7 -14.46 12.57 -19.40
CA PHE A 7 -13.49 13.26 -18.56
C PHE A 7 -14.00 14.64 -18.15
N ALA A 8 -14.61 15.36 -19.09
CA ALA A 8 -15.16 16.67 -18.77
C ALA A 8 -16.34 16.57 -17.82
N GLN A 9 -17.16 15.52 -17.98
CA GLN A 9 -18.28 15.32 -17.07
C GLN A 9 -17.81 14.93 -15.67
N GLN A 10 -16.79 14.07 -15.60
CA GLN A 10 -16.31 13.60 -14.29
C GLN A 10 -15.72 14.75 -13.48
N ARG A 11 -14.89 15.58 -14.11
CA ARG A 11 -14.26 16.67 -13.37
C ARG A 11 -15.27 17.75 -13.00
N LEU A 12 -16.24 18.02 -13.90
CA LEU A 12 -17.25 19.03 -13.59
C LEU A 12 -18.13 18.60 -12.43
N TRP A 13 -18.31 17.29 -12.24
CA TRP A 13 -19.05 16.80 -11.08
C TRP A 13 -18.30 17.12 -9.79
N PHE A 14 -17.01 16.81 -9.75
CA PHE A 14 -16.21 17.08 -8.55
C PHE A 14 -16.09 18.58 -8.29
N ILE A 15 -16.09 19.40 -9.34
CA ILE A 15 -16.05 20.85 -9.16
C ILE A 15 -17.37 21.33 -8.55
N ALA A 16 -18.49 20.76 -8.98
CA ALA A 16 -19.79 21.17 -8.44
C ALA A 16 -19.96 20.74 -7.00
N GLN A 17 -19.30 19.66 -6.57
CA GLN A 17 -19.43 19.20 -5.20
C GLN A 17 -18.48 19.94 -4.25
N MET A 18 -17.48 20.65 -4.79
CA MET A 18 -16.68 21.53 -3.95
C MET A 18 -17.49 22.74 -3.49
N SER A 19 -18.50 23.13 -4.27
CA SER A 19 -19.41 24.19 -3.84
C SER A 19 -20.32 23.70 -2.72
N ARG A 20 -20.79 22.46 -2.81
CA ARG A 20 -21.56 21.88 -1.71
C ARG A 20 -20.69 21.69 -0.47
N GLU A 21 -19.39 21.40 -0.66
CA GLU A 21 -18.47 21.35 0.47
C GLU A 21 -18.29 22.73 1.09
N ALA A 22 -18.35 23.79 0.28
CA ALA A 22 -18.17 25.14 0.79
C ALA A 22 -19.38 25.61 1.59
N SER A 23 -20.57 25.08 1.29
CA SER A 23 -21.78 25.55 1.96
C SER A 23 -21.80 25.13 3.42
N GLY A 24 -21.30 23.94 3.73
CA GLY A 24 -21.35 23.43 5.09
C GLY A 24 -20.11 23.73 5.91
N ALA A 25 -18.97 23.88 5.25
CA ALA A 25 -17.70 24.10 5.95
C ALA A 25 -17.47 25.56 6.32
N TYR A 26 -18.30 26.48 5.83
CA TYR A 26 -18.14 27.90 6.13
C TYR A 26 -19.17 28.40 7.14
N HIS A 27 -19.73 27.50 7.95
CA HIS A 27 -20.67 27.86 8.99
C HIS A 27 -20.22 27.27 10.32
N VAL A 28 -20.73 27.84 11.40
CA VAL A 28 -20.42 27.39 12.75
C VAL A 28 -21.71 26.93 13.41
N PRO A 29 -22.00 25.63 13.37
CA PRO A 29 -23.23 25.13 13.99
C PRO A 29 -23.05 24.89 15.49
N GLY A 30 -24.18 24.74 16.16
CA GLY A 30 -24.18 24.48 17.58
C GLY A 30 -25.59 24.30 18.09
N GLY A 31 -25.70 23.79 19.31
CA GLY A 31 -26.99 23.56 19.92
C GLY A 31 -26.88 23.46 21.43
N LEU A 32 -28.01 23.70 22.10
CA LEU A 32 -28.08 23.65 23.54
C LEU A 32 -29.42 23.05 23.95
N ARG A 33 -29.38 22.08 24.86
CA ARG A 33 -30.59 21.47 25.40
C ARG A 33 -31.11 22.29 26.56
N LEU A 34 -32.37 22.70 26.48
CA LEU A 34 -33.01 23.53 27.49
C LEU A 34 -33.98 22.70 28.31
N ARG A 35 -33.74 22.63 29.62
CA ARG A 35 -34.62 21.93 30.54
C ARG A 35 -35.03 22.91 31.64
N GLY A 36 -36.31 23.24 31.69
CA GLY A 36 -36.81 24.18 32.68
C GLY A 36 -38.21 24.62 32.34
N GLU A 37 -38.67 25.62 33.07
CA GLU A 37 -40.01 26.15 32.84
C GLU A 37 -40.10 26.83 31.48
N LEU A 38 -41.21 26.60 30.78
CA LEU A 38 -41.45 27.21 29.48
C LEU A 38 -41.53 28.73 29.62
N ASP A 39 -40.41 29.42 29.36
CA ASP A 39 -40.31 30.86 29.55
C ASP A 39 -39.66 31.48 28.31
N GLU A 40 -40.43 31.55 27.21
CA GLU A 40 -39.99 32.29 26.03
C GLU A 40 -39.96 33.79 26.28
N VAL A 41 -40.74 34.30 27.24
CA VAL A 41 -40.74 35.72 27.57
C VAL A 41 -39.35 36.25 27.90
N ALA A 42 -38.40 35.38 28.29
CA ALA A 42 -37.05 35.83 28.61
C ALA A 42 -36.03 35.60 27.51
N LEU A 43 -36.37 34.77 26.53
CA LEU A 43 -35.41 34.42 25.47
C LEU A 43 -35.18 35.60 24.53
N ARG A 44 -36.26 36.16 23.97
CA ARG A 44 -36.11 37.24 23.01
C ARG A 44 -35.41 38.46 23.60
N ALA A 45 -35.63 38.73 24.90
CA ALA A 45 -34.90 39.80 25.56
C ALA A 45 -33.43 39.44 25.71
N ALA A 46 -33.13 38.18 26.03
CA ALA A 46 -31.75 37.72 26.14
C ALA A 46 -31.11 37.49 24.77
N LEU A 47 -31.93 37.19 23.76
CA LEU A 47 -31.38 36.90 22.44
C LEU A 47 -30.92 38.17 21.74
N ASP A 48 -31.77 39.21 21.72
CA ASP A 48 -31.40 40.47 21.09
C ASP A 48 -30.35 41.22 21.90
N ARG A 49 -30.21 40.93 23.19
CA ARG A 49 -29.25 41.63 24.02
C ARG A 49 -27.82 41.31 23.59
N ILE A 50 -27.55 40.06 23.22
CA ILE A 50 -26.23 39.70 22.72
C ILE A 50 -26.03 40.14 21.27
N MET A 51 -27.11 40.35 20.52
CA MET A 51 -27.00 40.85 19.16
C MET A 51 -26.39 42.24 19.13
N ALA A 52 -27.05 43.20 19.79
CA ALA A 52 -26.60 44.59 19.78
C ALA A 52 -25.30 44.79 20.56
N ARG A 53 -24.93 43.82 21.41
CA ARG A 53 -23.75 44.00 22.26
C ARG A 53 -22.47 43.94 21.43
N HIS A 54 -22.35 42.93 20.57
CA HIS A 54 -21.19 42.78 19.70
C HIS A 54 -21.52 43.28 18.31
N GLU A 55 -20.66 44.17 17.79
CA GLU A 55 -20.92 44.84 16.52
C GLU A 55 -20.92 43.88 15.33
N VAL A 56 -20.27 42.72 15.46
CA VAL A 56 -20.16 41.80 14.33
C VAL A 56 -21.45 41.02 14.10
N LEU A 57 -22.31 40.91 15.10
CA LEU A 57 -23.52 40.11 14.97
C LEU A 57 -24.47 40.68 13.93
N ARG A 58 -24.43 41.99 13.71
CA ARG A 58 -25.32 42.64 12.74
C ARG A 58 -24.56 43.30 11.60
N THR A 59 -23.29 42.97 11.42
CA THR A 59 -22.48 43.59 10.37
C THR A 59 -22.79 42.94 9.02
N ARG A 60 -23.00 43.77 8.01
CA ARG A 60 -23.24 43.31 6.64
C ARG A 60 -22.03 43.65 5.76
N PHE A 61 -21.93 42.93 4.65
CA PHE A 61 -20.82 43.10 3.72
C PHE A 61 -21.35 43.21 2.29
N GLU A 62 -20.68 44.03 1.49
CA GLU A 62 -21.07 44.24 0.11
C GLU A 62 -19.89 44.81 -0.66
N TRP A 63 -20.01 44.83 -1.98
CA TRP A 63 -18.97 45.38 -2.85
C TRP A 63 -19.18 46.88 -3.03
N HIS A 64 -18.08 47.63 -3.01
CA HIS A 64 -18.14 49.08 -3.19
C HIS A 64 -16.74 49.56 -3.59
N GLU A 65 -16.64 50.14 -4.79
CA GLU A 65 -15.39 50.69 -5.30
C GLU A 65 -14.31 49.62 -5.44
N GLY A 66 -14.72 48.42 -5.84
CA GLY A 66 -13.78 47.37 -6.16
C GLY A 66 -13.20 46.61 -4.98
N GLU A 67 -13.83 46.69 -3.81
CA GLU A 67 -13.35 45.97 -2.65
C GLU A 67 -14.52 45.77 -1.69
N PRO A 68 -14.52 44.68 -0.91
CA PRO A 68 -15.60 44.48 0.07
C PRO A 68 -15.51 45.50 1.20
N VAL A 69 -16.66 46.05 1.57
CA VAL A 69 -16.72 47.08 2.60
C VAL A 69 -17.49 46.55 3.80
N GLN A 70 -17.18 47.09 4.96
CA GLN A 70 -17.85 46.73 6.21
C GLN A 70 -18.96 47.72 6.48
N CYS A 71 -20.18 47.24 6.65
CA CYS A 71 -21.35 48.08 6.87
C CYS A 71 -21.93 47.77 8.24
N ILE A 72 -21.63 48.64 9.21
CA ILE A 72 -22.24 48.53 10.53
C ILE A 72 -23.72 48.88 10.42
N ASP A 73 -24.58 47.96 10.83
CA ASP A 73 -26.02 48.12 10.67
C ASP A 73 -26.67 48.54 11.98
N ALA A 74 -27.83 49.16 11.87
CA ALA A 74 -28.63 49.49 13.05
C ALA A 74 -29.00 48.22 13.79
N GLU A 75 -28.98 48.29 15.12
CA GLU A 75 -29.20 47.10 15.94
C GLU A 75 -30.57 46.51 15.66
N ALA A 76 -30.59 45.26 15.21
CA ALA A 76 -31.80 44.57 14.80
C ALA A 76 -32.16 43.47 15.80
N ARG A 77 -33.06 42.59 15.39
CA ARG A 77 -33.57 41.51 16.23
C ARG A 77 -33.08 40.16 15.70
N PHE A 78 -33.38 39.11 16.47
CA PHE A 78 -32.97 37.76 16.14
C PHE A 78 -33.99 37.09 15.24
N PRO A 79 -33.54 36.36 14.22
CA PRO A 79 -34.47 35.62 13.36
C PRO A 79 -34.60 34.17 13.79
N LEU A 80 -35.58 33.89 14.63
CA LEU A 80 -35.83 32.55 15.12
C LEU A 80 -37.05 31.95 14.43
N VAL A 81 -36.97 30.67 14.11
CA VAL A 81 -38.03 29.95 13.42
C VAL A 81 -38.69 28.99 14.41
N ARG A 82 -40.02 28.98 14.42
CA ARG A 82 -40.78 28.11 15.32
C ARG A 82 -40.77 26.68 14.78
N GLN A 83 -40.56 25.72 15.68
CA GLN A 83 -40.56 24.32 15.29
C GLN A 83 -41.27 23.51 16.35
N GLU A 84 -41.94 22.45 15.93
CA GLU A 84 -42.58 21.50 16.84
C GLU A 84 -42.16 20.12 16.38
N LEU A 85 -41.24 19.51 17.13
CA LEU A 85 -40.69 18.22 16.74
C LEU A 85 -41.79 17.17 16.72
N GLU A 86 -41.67 16.23 15.77
CA GLU A 86 -42.68 15.21 15.56
C GLU A 86 -42.17 13.80 15.77
N GLY A 87 -40.87 13.55 15.64
CA GLY A 87 -40.35 12.21 15.81
C GLY A 87 -39.24 12.11 16.83
N GLU A 88 -38.07 11.65 16.40
CA GLU A 88 -36.93 11.52 17.29
C GLU A 88 -35.62 11.40 16.51
N ALA A 89 -35.41 10.24 15.88
CA ALA A 89 -34.14 10.00 15.19
C ALA A 89 -34.08 10.78 13.88
N ALA A 90 -35.02 10.51 12.96
CA ALA A 90 -34.98 11.15 11.65
C ALA A 90 -35.30 12.64 11.74
N GLU A 91 -36.08 13.05 12.74
CA GLU A 91 -36.45 14.46 12.86
C GLU A 91 -35.27 15.30 13.32
N LEU A 92 -34.57 14.86 14.38
CA LEU A 92 -33.48 15.66 14.93
C LEU A 92 -32.26 15.64 14.02
N ALA A 93 -31.95 14.48 13.43
CA ALA A 93 -30.75 14.37 12.63
C ALA A 93 -30.84 15.19 11.34
N HIS A 94 -32.01 15.22 10.72
CA HIS A 94 -32.17 15.97 9.47
C HIS A 94 -32.33 17.46 9.73
N TRP A 95 -33.12 17.83 10.75
CA TRP A 95 -33.28 19.23 11.12
C TRP A 95 -31.93 19.86 11.46
N GLN A 96 -31.14 19.19 12.30
CA GLN A 96 -29.84 19.70 12.70
C GLN A 96 -28.83 19.70 11.55
N GLN A 97 -29.06 18.89 10.52
CA GLN A 97 -28.16 18.86 9.36
C GLN A 97 -28.42 20.03 8.43
N VAL A 98 -29.67 20.21 8.01
CA VAL A 98 -30.00 21.29 7.09
C VAL A 98 -29.81 22.65 7.76
N GLU A 99 -29.91 22.70 9.09
CA GLU A 99 -29.65 23.95 9.81
C GLU A 99 -28.23 24.43 9.58
N ALA A 100 -27.26 23.51 9.59
CA ALA A 100 -25.87 23.90 9.36
C ALA A 100 -25.59 24.16 7.89
N ARG A 101 -26.27 23.47 6.99
CA ARG A 101 -26.05 23.62 5.56
C ARG A 101 -26.89 24.72 4.93
N SER A 102 -27.79 25.34 5.68
CA SER A 102 -28.60 26.42 5.14
C SER A 102 -27.73 27.64 4.86
N PRO A 103 -27.58 28.07 3.62
CA PRO A 103 -26.66 29.18 3.33
C PRO A 103 -27.23 30.52 3.80
N PHE A 104 -26.31 31.44 4.06
CA PHE A 104 -26.66 32.80 4.45
C PHE A 104 -26.48 33.73 3.25
N ASP A 105 -26.53 35.03 3.52
CA ASP A 105 -26.28 36.05 2.51
C ASP A 105 -25.45 37.16 3.13
N LEU A 106 -24.23 37.35 2.63
CA LEU A 106 -23.36 38.37 3.18
C LEU A 106 -23.90 39.77 2.97
N GLY A 107 -24.66 39.99 1.90
CA GLY A 107 -25.26 41.27 1.64
C GLY A 107 -26.34 41.63 2.65
N THR A 108 -27.59 41.27 2.34
CA THR A 108 -28.70 41.45 3.26
C THR A 108 -28.96 40.16 4.02
N GLY A 109 -29.77 40.27 5.07
CA GLY A 109 -30.04 39.14 5.93
C GLY A 109 -28.94 38.93 6.94
N PRO A 110 -29.31 38.63 8.18
CA PRO A 110 -28.31 38.51 9.24
C PRO A 110 -27.44 37.28 9.06
N LEU A 111 -26.38 37.22 9.86
CA LEU A 111 -25.43 36.11 9.84
C LEU A 111 -25.50 35.25 11.10
N ILE A 112 -26.55 35.42 11.91
CA ILE A 112 -26.82 34.55 13.05
C ILE A 112 -28.21 33.96 12.86
N ARG A 113 -28.31 32.64 12.93
CA ARG A 113 -29.53 31.92 12.60
C ARG A 113 -29.86 30.94 13.71
N GLY A 114 -31.14 30.84 14.06
CA GLY A 114 -31.55 29.96 15.13
C GLY A 114 -32.81 29.16 14.87
N ARG A 115 -32.82 27.90 15.28
CA ARG A 115 -33.97 27.02 15.15
C ARG A 115 -34.38 26.56 16.55
N LEU A 116 -35.49 27.10 17.06
CA LEU A 116 -36.00 26.71 18.36
C LEU A 116 -37.26 25.87 18.21
N LEU A 117 -37.48 25.01 19.20
CA LEU A 117 -38.55 24.02 19.09
C LEU A 117 -38.97 23.55 20.47
N LYS A 118 -40.26 23.29 20.61
CA LYS A 118 -40.79 22.50 21.71
C LYS A 118 -40.84 21.04 21.27
N LEU A 119 -40.12 20.18 21.98
CA LEU A 119 -40.02 18.77 21.63
C LEU A 119 -41.27 18.01 22.05
N GLN A 122 -41.94 22.86 28.15
CA GLN A 122 -41.18 22.17 29.21
C GLN A 122 -39.75 21.88 28.77
N GLU A 123 -39.60 21.30 27.59
CA GLU A 123 -38.30 20.92 27.05
C GLU A 123 -38.18 21.44 25.62
N HIS A 124 -37.10 22.17 25.35
CA HIS A 124 -36.92 22.84 24.08
C HIS A 124 -35.52 22.58 23.53
N VAL A 125 -35.42 22.58 22.21
CA VAL A 125 -34.15 22.38 21.51
C VAL A 125 -33.75 23.72 20.90
N LEU A 126 -32.65 24.28 21.40
CA LEU A 126 -32.18 25.59 20.96
C LEU A 126 -30.99 25.41 20.03
N LEU A 127 -31.26 25.46 18.73
CA LEU A 127 -30.21 25.41 17.72
C LEU A 127 -29.74 26.81 17.38
N LEU A 128 -28.43 27.00 17.31
CA LEU A 128 -27.83 28.28 16.95
C LEU A 128 -26.83 28.09 15.82
N THR A 129 -26.68 29.12 14.99
CA THR A 129 -25.78 29.06 13.86
C THR A 129 -25.23 30.45 13.59
N MET A 130 -23.92 30.53 13.37
CA MET A 130 -23.27 31.78 12.97
C MET A 130 -22.42 31.52 11.72
N HIS A 131 -22.06 32.60 11.03
CA HIS A 131 -21.20 32.51 9.87
C HIS A 131 -19.75 32.66 10.28
N HIS A 132 -18.86 32.01 9.53
CA HIS A 132 -17.44 32.03 9.89
C HIS A 132 -16.82 33.40 9.70
N ILE A 133 -17.41 34.26 8.87
CA ILE A 133 -16.88 35.60 8.68
C ILE A 133 -17.15 36.51 9.87
N VAL A 134 -18.03 36.09 10.79
CA VAL A 134 -18.33 36.85 12.00
C VAL A 134 -18.11 36.03 13.26
N SER A 135 -17.51 34.84 13.14
CA SER A 135 -17.37 33.96 14.30
C SER A 135 -16.31 32.91 14.00
N ASP A 136 -16.11 32.01 14.96
CA ASP A 136 -15.25 30.85 14.77
C ASP A 136 -15.70 29.77 15.75
N GLY A 137 -14.74 28.96 16.23
CA GLY A 137 -15.03 27.93 17.21
C GLY A 137 -15.26 28.51 18.59
N TRP A 138 -14.32 29.35 19.04
CA TRP A 138 -14.45 30.01 20.34
C TRP A 138 -15.64 30.96 20.37
N SER A 139 -15.93 31.64 19.26
CA SER A 139 -16.98 32.65 19.26
C SER A 139 -18.34 32.08 19.65
N MET A 140 -18.55 30.78 19.43
CA MET A 140 -19.79 30.16 19.90
C MET A 140 -19.71 29.75 21.36
N SER A 141 -18.50 29.48 21.87
CA SER A 141 -18.35 29.16 23.28
C SER A 141 -18.67 30.38 24.15
N VAL A 142 -18.19 31.56 23.75
CA VAL A 142 -18.57 32.78 24.46
C VAL A 142 -20.01 33.16 24.16
N LEU A 143 -20.55 32.72 23.02
CA LEU A 143 -21.97 32.90 22.76
C LEU A 143 -22.82 32.10 23.75
N ALA A 144 -22.30 30.98 24.23
CA ALA A 144 -22.99 30.21 25.26
C ALA A 144 -22.83 30.85 26.64
N HIS A 145 -21.71 31.55 26.87
CA HIS A 145 -21.53 32.22 28.15
C HIS A 145 -22.52 33.35 28.33
N GLU A 146 -22.69 34.18 27.29
CA GLU A 146 -23.61 35.32 27.40
C GLU A 146 -25.06 34.85 27.38
N LEU A 147 -25.39 33.91 26.50
CA LEU A 147 -26.78 33.45 26.40
C LEU A 147 -27.25 32.84 27.72
N GLY A 148 -26.36 32.11 28.41
CA GLY A 148 -26.74 31.54 29.68
C GLY A 148 -26.89 32.58 30.77
N THR A 149 -26.03 33.61 30.75
CA THR A 149 -26.12 34.67 31.75
C THR A 149 -27.31 35.58 31.49
N LEU A 150 -27.56 35.92 30.22
CA LEU A 150 -28.65 36.84 29.91
C LEU A 150 -30.01 36.23 30.19
N TYR A 151 -30.17 34.92 30.00
CA TYR A 151 -31.41 34.27 30.38
C TYR A 151 -31.60 34.29 31.90
N ARG A 152 -30.52 34.08 32.65
CA ARG A 152 -30.60 34.19 34.10
C ARG A 152 -31.01 35.60 34.52
N ALA A 153 -30.46 36.62 33.86
CA ALA A 153 -30.84 38.00 34.18
C ALA A 153 -32.29 38.27 33.78
N TYR A 154 -32.73 37.72 32.66
CA TYR A 154 -34.11 37.88 32.21
C TYR A 154 -35.07 36.93 32.92
N ALA A 155 -34.58 36.06 33.80
CA ALA A 155 -35.43 35.18 34.59
C ALA A 155 -35.60 35.64 36.02
N GLN A 156 -34.63 36.38 36.57
CA GLN A 156 -34.70 36.87 37.93
C GLN A 156 -35.08 38.34 37.98
N GLU A 162 -29.48 45.43 30.40
CA GLU A 162 -29.40 43.99 30.54
C GLU A 162 -28.01 43.47 30.14
N VAL A 163 -27.68 43.60 28.86
CA VAL A 163 -26.44 43.05 28.31
C VAL A 163 -25.26 43.93 28.64
N ASP A 164 -25.07 45.00 27.86
CA ASP A 164 -23.90 45.86 28.02
C ASP A 164 -23.78 46.49 29.41
N PRO A 165 -24.85 47.00 30.05
CA PRO A 165 -24.65 47.62 31.38
C PRO A 165 -24.14 46.64 32.43
N LEU A 166 -24.58 45.39 32.40
CA LEU A 166 -24.05 44.40 33.34
C LEU A 166 -22.56 44.19 33.14
N PRO A 167 -22.08 43.75 31.97
CA PRO A 167 -20.64 43.68 31.72
C PRO A 167 -20.30 44.05 30.29
N ALA A 168 -19.92 45.31 30.05
CA ALA A 168 -19.68 45.79 28.70
C ALA A 168 -18.44 45.15 28.10
N LEU A 169 -18.37 45.18 26.77
CA LEU A 169 -17.24 44.62 26.03
C LEU A 169 -16.17 45.69 25.81
N PRO A 170 -14.89 45.31 25.93
CA PRO A 170 -13.82 46.33 25.84
C PRO A 170 -13.56 46.82 24.43
N LEU A 171 -13.74 45.94 23.44
CA LEU A 171 -13.47 46.30 22.05
C LEU A 171 -14.47 45.58 21.16
N GLN A 172 -14.41 45.89 19.87
CA GLN A 172 -15.20 45.22 18.85
C GLN A 172 -14.30 44.87 17.67
N TYR A 173 -14.78 43.96 16.82
CA TYR A 173 -13.91 43.35 15.81
C TYR A 173 -13.34 44.39 14.84
N ALA A 174 -14.08 45.47 14.58
CA ALA A 174 -13.57 46.50 13.68
C ALA A 174 -12.28 47.11 14.20
N ASP A 175 -12.12 47.20 15.52
CA ASP A 175 -10.87 47.69 16.09
C ASP A 175 -9.74 46.68 15.91
N TYR A 176 -10.07 45.39 16.02
CA TYR A 176 -9.07 44.36 15.77
C TYR A 176 -8.64 44.34 14.31
N ALA A 177 -9.60 44.50 13.39
CA ALA A 177 -9.26 44.52 11.96
C ALA A 177 -8.46 45.77 11.61
N LEU A 178 -8.78 46.91 12.22
CA LEU A 178 -8.01 48.12 12.00
C LEU A 178 -6.59 47.98 12.55
N TRP A 179 -6.45 47.27 13.68
CA TRP A 179 -5.12 47.03 14.22
C TRP A 179 -4.34 46.04 13.37
N GLN A 180 -5.01 45.00 12.87
CA GLN A 180 -4.34 44.01 12.03
C GLN A 180 -3.87 44.64 10.72
N ARG A 181 -4.65 45.57 10.16
CA ARG A 181 -4.25 46.22 8.91
C ARG A 181 -2.93 46.96 9.06
N ARG A 182 -2.70 47.56 10.24
CA ARG A 182 -1.43 48.24 10.48
C ARG A 182 -0.31 47.26 10.82
N TRP A 183 -0.64 46.18 11.52
CA TRP A 183 0.38 45.20 11.88
C TRP A 183 0.89 44.45 10.66
N LEU A 184 -0.01 44.15 9.71
CA LEU A 184 0.41 43.44 8.51
C LEU A 184 1.35 44.28 7.66
N ASP A 185 1.27 45.61 7.77
CA ASP A 185 2.13 46.51 7.03
C ASP A 185 3.44 46.80 7.76
N GLY A 186 3.58 46.37 9.01
CA GLY A 186 4.74 46.67 9.82
C GLY A 186 5.86 45.66 9.64
N GLU A 187 6.94 45.89 10.39
CA GLU A 187 8.12 45.03 10.30
C GLU A 187 7.98 43.75 11.13
N ARG A 188 7.04 43.73 12.09
CA ARG A 188 6.81 42.51 12.84
C ARG A 188 6.19 41.42 11.96
N GLN A 189 5.41 41.80 10.96
CA GLN A 189 4.88 40.83 10.02
C GLN A 189 5.99 40.23 9.16
N GLN A 190 6.98 41.06 8.80
CA GLN A 190 8.07 40.58 7.97
C GLN A 190 8.96 39.59 8.72
N ARG A 191 9.22 39.86 10.01
CA ARG A 191 10.05 38.96 10.79
C ARG A 191 9.34 37.64 11.09
N GLN A 192 8.03 37.70 11.36
CA GLN A 192 7.26 36.46 11.51
C GLN A 192 7.19 35.69 10.19
N LEU A 193 7.15 36.40 9.06
CA LEU A 193 7.21 35.74 7.77
C LEU A 193 8.60 35.15 7.50
N ALA A 194 9.65 35.78 8.04
CA ALA A 194 10.99 35.25 7.86
C ALA A 194 11.21 33.99 8.68
N TYR A 195 10.58 33.90 9.85
CA TYR A 195 10.73 32.70 10.68
C TYR A 195 10.04 31.50 10.04
N TRP A 196 8.81 31.68 9.57
CA TRP A 196 8.07 30.57 8.98
C TRP A 196 8.69 30.12 7.66
N GLN A 197 9.23 31.06 6.89
CA GLN A 197 9.96 30.69 5.68
C GLN A 197 11.19 29.87 6.02
N GLN A 198 11.83 30.16 7.15
CA GLN A 198 13.00 29.41 7.58
C GLN A 198 12.61 28.07 8.21
N GLN A 199 11.52 28.05 8.97
CA GLN A 199 11.14 26.85 9.71
C GLN A 199 10.65 25.75 8.77
N LEU A 200 9.88 26.11 7.74
CA LEU A 200 9.26 25.14 6.85
C LEU A 200 9.94 25.06 5.49
N ALA A 201 11.17 25.59 5.38
CA ALA A 201 11.90 25.53 4.12
C ALA A 201 12.30 24.09 3.81
N GLY A 202 12.00 23.64 2.60
CA GLY A 202 12.33 22.29 2.20
C GLY A 202 11.53 21.20 2.88
N ALA A 203 10.43 21.55 3.55
CA ALA A 203 9.61 20.55 4.20
C ALA A 203 8.90 19.70 3.15
N PRO A 204 8.55 18.46 3.50
CA PRO A 204 7.85 17.60 2.53
C PRO A 204 6.50 18.19 2.14
N ALA A 205 6.29 18.33 0.83
CA ALA A 205 5.07 18.96 0.34
C ALA A 205 3.85 18.08 0.55
N LEU A 206 4.02 16.76 0.54
CA LEU A 206 2.90 15.83 0.70
C LEU A 206 3.34 14.65 1.53
N VAL A 207 2.55 14.32 2.55
CA VAL A 207 2.85 13.15 3.37
C VAL A 207 2.48 11.88 2.59
N SER A 208 3.35 10.88 2.66
CA SER A 208 3.16 9.63 1.92
C SER A 208 2.51 8.57 2.79
N LEU A 209 1.45 8.93 3.49
CA LEU A 209 0.71 7.95 4.27
C LEU A 209 0.10 6.90 3.35
N PRO A 210 0.23 5.61 3.66
CA PRO A 210 -0.38 4.58 2.80
C PRO A 210 -1.89 4.73 2.76
N THR A 211 -2.42 4.78 1.55
CA THR A 211 -3.86 4.91 1.32
C THR A 211 -4.41 3.64 0.69
N ASP A 212 -5.65 3.31 1.04
CA ASP A 212 -6.30 2.13 0.49
C ASP A 212 -6.69 2.30 -0.98
N ARG A 213 -6.76 3.54 -1.46
CA ARG A 213 -7.04 3.84 -2.85
C ARG A 213 -6.09 4.93 -3.32
N PRO A 214 -5.73 4.94 -4.60
CA PRO A 214 -4.87 6.02 -5.11
C PRO A 214 -5.50 7.38 -4.93
N ARG A 215 -4.65 8.38 -4.74
CA ARG A 215 -5.13 9.73 -4.49
C ARG A 215 -5.84 10.28 -5.72
N PRO A 216 -7.07 10.76 -5.59
CA PRO A 216 -7.77 11.32 -6.76
C PRO A 216 -7.08 12.56 -7.30
N ALA A 217 -7.36 12.86 -8.56
CA ALA A 217 -6.77 14.03 -9.19
C ALA A 217 -7.20 15.31 -8.50
N LEU A 218 -8.49 15.42 -8.18
CA LEU A 218 -9.02 16.55 -7.43
C LEU A 218 -9.38 16.07 -6.03
N GLN A 219 -9.12 16.92 -5.04
CA GLN A 219 -9.34 16.54 -3.65
C GLN A 219 -10.81 16.25 -3.39
N ASP A 220 -11.10 15.05 -2.89
CA ASP A 220 -12.45 14.65 -2.54
C ASP A 220 -12.70 14.98 -1.08
N TYR A 221 -13.70 15.83 -0.81
CA TYR A 221 -13.99 16.29 0.54
C TYR A 221 -14.98 15.41 1.27
N ARG A 222 -15.35 14.26 0.70
CA ARG A 222 -16.19 13.32 1.43
C ARG A 222 -15.43 12.77 2.64
N GLY A 223 -16.03 12.91 3.82
CA GLY A 223 -15.37 12.56 5.05
C GLY A 223 -16.22 11.67 5.93
N ASP A 224 -15.54 10.96 6.81
CA ASP A 224 -16.17 10.17 7.86
C ASP A 224 -15.26 10.21 9.08
N SER A 225 -15.79 9.78 10.22
CA SER A 225 -15.06 9.89 11.47
C SER A 225 -15.31 8.67 12.35
N ILE A 226 -14.36 8.41 13.24
CA ILE A 226 -14.47 7.37 14.25
C ILE A 226 -14.26 8.01 15.61
N GLU A 227 -14.68 7.27 16.65
CA GLU A 227 -14.52 7.71 18.03
C GLU A 227 -13.35 6.98 18.67
N LEU A 228 -12.53 7.73 19.41
CA LEU A 228 -11.41 7.15 20.13
C LEU A 228 -11.27 7.85 21.48
N THR A 229 -10.88 7.09 22.50
CA THR A 229 -10.74 7.60 23.84
C THR A 229 -9.49 7.00 24.50
N PHE A 230 -8.85 7.80 25.34
CA PHE A 230 -7.77 7.33 26.20
C PHE A 230 -8.35 7.06 27.57
N ASP A 231 -8.23 5.82 28.05
CA ASP A 231 -8.85 5.44 29.31
C ASP A 231 -8.20 6.18 30.48
N ALA A 232 -8.73 5.93 31.68
CA ALA A 232 -8.27 6.66 32.86
C ALA A 232 -6.80 6.44 33.14
N GLY A 233 -6.30 5.22 32.87
CA GLY A 233 -4.91 4.93 33.12
C GLY A 233 -3.97 5.65 32.16
N LEU A 234 -4.30 5.60 30.86
CA LEU A 234 -3.43 6.22 29.86
C LEU A 234 -3.43 7.73 29.99
N SER A 235 -4.60 8.33 30.22
CA SER A 235 -4.67 9.77 30.40
C SER A 235 -3.90 10.21 31.64
N GLN A 236 -3.90 9.40 32.69
CA GLN A 236 -3.14 9.73 33.90
C GLN A 236 -1.64 9.62 33.64
N GLY A 237 -1.21 8.56 32.96
CA GLY A 237 0.21 8.41 32.68
C GLY A 237 0.74 9.45 31.72
N LEU A 238 -0.07 9.85 30.74
CA LEU A 238 0.35 10.91 29.82
C LEU A 238 0.49 12.24 30.53
N ARG A 239 -0.36 12.51 31.52
CA ARG A 239 -0.22 13.74 32.29
C ARG A 239 1.09 13.76 33.06
N ALA A 240 1.46 12.64 33.67
CA ALA A 240 2.72 12.58 34.40
C ALA A 240 3.92 12.67 33.45
N LEU A 241 3.82 12.04 32.28
CA LEU A 241 4.88 12.16 31.29
C LEU A 241 5.03 13.59 30.80
N SER A 242 3.90 14.28 30.59
CA SER A 242 3.96 15.67 30.17
C SER A 242 4.51 16.57 31.27
N GLN A 243 4.18 16.28 32.53
CA GLN A 243 4.73 17.03 33.64
C GLN A 243 6.24 16.84 33.74
N ARG A 244 6.71 15.62 33.46
CA ARG A 244 8.12 15.31 33.62
C ARG A 244 8.99 15.93 32.54
N HIS A 245 8.41 16.36 31.42
CA HIS A 245 9.16 16.94 30.32
C HIS A 245 8.76 18.38 30.02
N GLY A 246 7.94 18.99 30.85
CA GLY A 246 7.56 20.38 30.65
C GLY A 246 6.64 20.65 29.49
N THR A 247 6.14 19.60 28.84
CA THR A 247 5.21 19.77 27.73
C THR A 247 3.77 19.67 28.22
N THR A 248 2.85 20.19 27.43
CA THR A 248 1.44 20.04 27.71
C THR A 248 0.91 18.77 27.07
N LEU A 249 -0.32 18.40 27.43
CA LEU A 249 -0.90 17.16 26.93
C LEU A 249 -1.09 17.20 25.42
N TYR A 250 -1.22 18.39 24.84
CA TYR A 250 -1.30 18.50 23.38
C TYR A 250 0.03 18.17 22.73
N MET A 251 1.13 18.69 23.29
CA MET A 251 2.44 18.46 22.70
C MET A 251 2.85 16.99 22.78
N THR A 252 2.45 16.29 23.85
CA THR A 252 2.77 14.88 23.96
C THR A 252 2.05 14.06 22.90
N VAL A 253 0.81 14.42 22.59
CA VAL A 253 0.07 13.71 21.53
C VAL A 253 0.60 14.09 20.16
N LEU A 254 1.00 15.36 19.99
CA LEU A 254 1.57 15.79 18.71
C LEU A 254 2.87 15.05 18.41
N ALA A 255 3.70 14.84 19.43
CA ALA A 255 4.94 14.10 19.23
C ALA A 255 4.66 12.66 18.85
N ALA A 256 3.67 12.03 19.48
CA ALA A 256 3.36 10.64 19.20
C ALA A 256 2.74 10.48 17.81
N TRP A 257 1.82 11.37 17.44
CA TRP A 257 1.19 11.25 16.13
C TRP A 257 2.19 11.49 15.01
N ALA A 258 3.05 12.50 15.17
CA ALA A 258 4.10 12.73 14.18
C ALA A 258 5.08 11.56 14.13
N ALA A 259 5.33 10.92 15.27
CA ALA A 259 6.18 9.74 15.28
C ALA A 259 5.50 8.57 14.58
N LEU A 260 4.18 8.44 14.75
CA LEU A 260 3.46 7.36 14.09
C LEU A 260 3.38 7.58 12.59
N VAL A 261 3.07 8.81 12.16
CA VAL A 261 2.90 9.09 10.74
C VAL A 261 4.22 8.92 9.99
N ALA A 262 5.32 9.43 10.56
CA ALA A 262 6.62 9.25 9.92
C ALA A 262 6.99 7.78 9.79
N ARG A 263 6.57 6.96 10.75
CA ARG A 263 6.85 5.53 10.69
C ARG A 263 5.96 4.84 9.66
N LEU A 264 4.70 5.29 9.54
CA LEU A 264 3.79 4.66 8.58
C LEU A 264 4.08 5.12 7.16
N ALA A 265 4.47 6.38 6.97
CA ALA A 265 4.70 6.95 5.66
C ALA A 265 6.10 6.67 5.12
N GLY A 266 7.03 6.24 5.96
CA GLY A 266 8.40 6.05 5.52
C GLY A 266 9.13 7.34 5.21
N GLN A 267 8.81 8.42 5.90
CA GLN A 267 9.42 9.72 5.69
C GLN A 267 10.07 10.20 6.99
N PRO A 268 11.16 10.97 6.89
CA PRO A 268 11.85 11.43 8.10
C PRO A 268 11.12 12.56 8.82
N GLU A 269 10.50 13.46 8.06
CA GLU A 269 9.83 14.63 8.63
C GLU A 269 8.33 14.57 8.33
N VAL A 270 7.55 15.16 9.23
CA VAL A 270 6.09 15.20 9.12
C VAL A 270 5.61 16.57 9.55
N VAL A 271 4.75 17.18 8.75
CA VAL A 271 4.16 18.48 9.05
C VAL A 271 2.70 18.25 9.47
N ILE A 272 2.36 18.70 10.67
CA ILE A 272 1.02 18.55 11.22
C ILE A 272 0.48 19.94 11.56
N GLY A 273 -0.70 20.27 11.05
CA GLY A 273 -1.31 21.55 11.34
C GLY A 273 -2.16 21.54 12.60
N THR A 274 -2.36 22.74 13.14
CA THR A 274 -3.14 22.90 14.37
C THR A 274 -3.82 24.25 14.40
N PRO A 275 -5.15 24.29 14.55
CA PRO A 275 -5.83 25.58 14.69
C PRO A 275 -5.64 26.16 16.09
N VAL A 276 -5.38 27.46 16.13
CA VAL A 276 -5.19 28.18 17.39
C VAL A 276 -6.17 29.35 17.42
N ALA A 277 -6.57 29.73 18.64
CA ALA A 277 -7.52 30.83 18.79
C ALA A 277 -6.93 32.16 18.36
N ASN A 278 -5.62 32.32 18.50
CA ASN A 278 -4.89 33.54 18.14
C ASN A 278 -5.39 34.76 18.93
N ARG A 279 -6.13 34.53 20.02
CA ARG A 279 -6.56 35.60 20.90
C ARG A 279 -5.57 35.75 22.05
N GLN A 280 -4.31 36.00 21.67
CA GLN A 280 -3.23 36.07 22.64
C GLN A 280 -3.43 37.23 23.61
N ARG A 281 -3.76 38.40 23.08
CA ARG A 281 -4.05 39.55 23.94
C ARG A 281 -5.33 39.30 24.74
N ALA A 282 -5.29 39.69 26.02
CA ALA A 282 -6.43 39.45 26.90
C ALA A 282 -7.66 40.26 26.49
N GLU A 283 -7.49 41.28 25.65
CA GLU A 283 -8.64 42.06 25.21
C GLU A 283 -9.57 41.24 24.32
N LEU A 284 -8.99 40.37 23.48
CA LEU A 284 -9.77 39.61 22.51
C LEU A 284 -10.56 38.48 23.15
N GLU A 285 -10.28 38.13 24.40
CA GLU A 285 -11.02 37.06 25.06
C GLU A 285 -12.44 37.52 25.36
N GLY A 286 -13.42 36.71 24.95
CA GLY A 286 -14.81 37.06 25.08
C GLY A 286 -15.41 37.75 23.88
N LEU A 287 -14.58 38.18 22.92
CA LEU A 287 -15.08 38.83 21.72
C LEU A 287 -15.50 37.79 20.69
N ILE A 288 -16.42 38.18 19.82
CA ILE A 288 -16.96 37.31 18.77
C ILE A 288 -16.43 37.78 17.43
N GLY A 289 -15.89 36.86 16.66
CA GLY A 289 -15.37 37.19 15.35
C GLY A 289 -14.45 36.10 14.83
N PHE A 290 -13.86 36.37 13.68
CA PHE A 290 -12.92 35.46 13.02
C PHE A 290 -11.54 35.72 13.59
N PHE A 291 -11.12 34.88 14.53
CA PHE A 291 -9.81 34.99 15.15
C PHE A 291 -8.93 33.77 14.96
N VAL A 292 -9.50 32.61 14.63
CA VAL A 292 -8.74 31.37 14.59
C VAL A 292 -7.70 31.43 13.47
N ASN A 293 -6.49 30.97 13.77
CA ASN A 293 -5.40 30.89 12.81
C ASN A 293 -4.85 29.48 12.82
N THR A 294 -4.06 29.14 11.80
CA THR A 294 -3.49 27.81 11.65
C THR A 294 -1.98 27.89 11.68
N LEU A 295 -1.36 26.95 12.40
CA LEU A 295 0.09 26.85 12.52
C LEU A 295 0.54 25.51 11.94
N ALA A 296 1.61 25.55 11.14
CA ALA A 296 2.19 24.36 10.55
C ALA A 296 3.39 23.93 11.38
N LEU A 297 3.31 22.73 11.94
CA LEU A 297 4.33 22.24 12.87
C LEU A 297 5.13 21.13 12.19
N ARG A 298 6.41 21.42 11.95
CA ARG A 298 7.32 20.51 11.25
C ARG A 298 8.12 19.73 12.28
N VAL A 299 7.85 18.43 12.39
CA VAL A 299 8.51 17.56 13.36
C VAL A 299 9.47 16.66 12.60
N ASP A 300 10.74 16.70 13.01
CA ASP A 300 11.77 15.84 12.42
C ASP A 300 11.94 14.60 13.28
N LEU A 301 12.21 13.47 12.62
CA LEU A 301 12.39 12.20 13.31
C LEU A 301 13.61 11.42 12.84
N GLY A 302 14.51 12.06 12.10
CA GLY A 302 15.74 11.40 11.73
C GLY A 302 16.67 11.22 12.92
N GLY A 303 17.67 10.35 12.73
CA GLY A 303 18.62 10.05 13.78
C GLY A 303 18.11 9.14 14.88
N GLU A 304 16.88 8.63 14.75
CA GLU A 304 16.26 7.73 15.73
C GLU A 304 16.30 8.33 17.12
N PRO A 305 15.51 9.38 17.38
CA PRO A 305 15.53 9.99 18.72
C PRO A 305 14.77 9.16 19.73
N SER A 306 15.02 9.47 21.00
CA SER A 306 14.30 8.83 22.09
C SER A 306 12.96 9.54 22.31
N VAL A 307 12.18 9.02 23.26
CA VAL A 307 10.92 9.68 23.61
C VAL A 307 11.19 11.03 24.24
N ALA A 308 12.21 11.11 25.11
CA ALA A 308 12.55 12.37 25.74
C ALA A 308 13.09 13.37 24.73
N GLY A 309 13.95 12.92 23.82
CA GLY A 309 14.51 13.82 22.81
C GLY A 309 13.45 14.33 21.86
N LEU A 310 12.47 13.49 21.51
CA LEU A 310 11.41 13.93 20.62
C LEU A 310 10.49 14.93 21.31
N LEU A 311 10.14 14.68 22.57
CA LEU A 311 9.30 15.61 23.32
C LEU A 311 10.00 16.96 23.49
N ALA A 312 11.32 16.95 23.66
CA ALA A 312 12.06 18.21 23.77
C ALA A 312 12.04 18.97 22.45
N GLN A 313 12.16 18.25 21.33
CA GLN A 313 12.07 18.90 20.03
C GLN A 313 10.68 19.49 19.80
N VAL A 314 9.64 18.72 20.12
CA VAL A 314 8.28 19.22 19.97
C VAL A 314 8.02 20.37 20.93
N ARG A 315 8.65 20.35 22.11
CA ARG A 315 8.49 21.46 23.04
C ARG A 315 9.08 22.74 22.47
N GLU A 316 10.21 22.65 21.78
CA GLU A 316 10.85 23.83 21.21
C GLU A 316 10.03 24.39 20.06
N ARG A 317 9.56 23.52 19.15
CA ARG A 317 8.90 23.99 17.94
C ARG A 317 7.48 24.46 18.20
N VAL A 318 6.80 23.90 19.21
CA VAL A 318 5.45 24.36 19.52
C VAL A 318 5.49 25.75 20.14
N LEU A 319 6.41 25.97 21.09
CA LEU A 319 6.53 27.28 21.71
C LEU A 319 6.93 28.34 20.69
N ALA A 320 7.87 28.02 19.81
CA ALA A 320 8.27 28.97 18.78
C ALA A 320 7.16 29.22 17.77
N ALA A 321 6.29 28.24 17.55
CA ALA A 321 5.16 28.45 16.65
C ALA A 321 4.10 29.33 17.29
N GLN A 322 3.82 29.12 18.58
CA GLN A 322 2.80 29.91 19.27
C GLN A 322 3.25 31.35 19.52
N SER A 323 4.55 31.62 19.39
CA SER A 323 5.03 33.00 19.51
C SER A 323 4.91 33.76 18.20
N HIS A 324 4.82 33.07 17.07
CA HIS A 324 4.67 33.68 15.76
C HIS A 324 3.31 33.38 15.14
N GLN A 325 2.27 33.28 15.97
CA GLN A 325 0.95 32.87 15.52
C GLN A 325 0.09 34.03 15.01
N ASP A 326 0.65 35.25 14.95
CA ASP A 326 -0.13 36.37 14.43
C ASP A 326 -0.13 36.41 12.91
N LEU A 327 0.90 35.88 12.28
CA LEU A 327 0.96 35.87 10.82
C LEU A 327 -0.12 34.95 10.26
N PRO A 328 -0.97 35.42 9.35
CA PRO A 328 -1.99 34.54 8.78
C PRO A 328 -1.37 33.37 8.04
N PHE A 329 -2.01 32.20 8.16
CA PHE A 329 -1.49 31.00 7.54
C PHE A 329 -1.51 31.09 6.02
N GLU A 330 -2.40 31.91 5.46
CA GLU A 330 -2.46 32.06 4.02
C GLU A 330 -1.19 32.71 3.48
N GLN A 331 -0.62 33.67 4.23
CA GLN A 331 0.63 34.29 3.82
C GLN A 331 1.82 33.36 3.97
N VAL A 332 1.74 32.37 4.87
CA VAL A 332 2.79 31.38 4.96
C VAL A 332 2.84 30.52 3.71
N VAL A 333 1.68 30.21 3.13
CA VAL A 333 1.63 29.33 1.97
C VAL A 333 2.16 30.04 0.73
N GLU A 334 1.63 31.23 0.44
CA GLU A 334 2.02 31.95 -0.78
C GLU A 334 3.49 32.37 -0.75
N ALA A 335 4.11 32.40 0.42
CA ALA A 335 5.54 32.66 0.49
C ALA A 335 6.36 31.39 0.26
N LEU A 336 6.00 30.31 0.96
CA LEU A 336 6.71 29.05 0.79
C LEU A 336 6.33 28.38 -0.52
N LYS A 337 5.03 28.17 -0.73
CA LYS A 337 4.51 27.41 -1.87
C LYS A 337 3.55 28.29 -2.66
N PRO A 338 4.07 29.21 -3.49
CA PRO A 338 3.20 29.94 -4.42
C PRO A 338 2.74 29.07 -5.58
N GLU A 339 3.26 27.85 -5.69
CA GLU A 339 2.89 26.90 -6.75
C GLU A 339 2.48 25.61 -6.06
N ARG A 340 1.18 25.37 -5.93
CA ARG A 340 0.67 24.25 -5.15
C ARG A 340 -0.15 23.32 -6.03
N SER A 341 -0.52 22.17 -5.46
CA SER A 341 -1.25 21.13 -6.16
C SER A 341 -2.74 21.29 -5.96
N LEU A 342 -3.52 20.43 -6.63
CA LEU A 342 -4.97 20.43 -6.54
C LEU A 342 -5.55 19.17 -5.90
N SER A 343 -4.72 18.18 -5.59
CA SER A 343 -5.20 16.92 -5.02
C SER A 343 -5.06 16.85 -3.52
N HIS A 344 -4.40 17.82 -2.88
CA HIS A 344 -4.20 17.78 -1.44
C HIS A 344 -4.06 19.20 -0.92
N SER A 345 -4.26 19.34 0.39
CA SER A 345 -4.11 20.64 1.04
C SER A 345 -2.65 21.05 1.07
N PRO A 346 -2.36 22.34 1.01
CA PRO A 346 -0.96 22.78 0.97
C PRO A 346 -0.27 22.66 2.32
N VAL A 347 1.06 22.59 2.27
CA VAL A 347 1.94 22.59 3.43
C VAL A 347 1.76 21.33 4.25
N PHE A 348 0.54 21.10 4.76
CA PHE A 348 0.25 19.93 5.56
C PHE A 348 -1.04 19.27 5.09
N GLN A 349 -1.17 17.98 5.38
CA GLN A 349 -2.38 17.23 5.08
C GLN A 349 -2.97 16.54 6.30
N LEU A 350 -2.40 16.75 7.49
CA LEU A 350 -2.92 16.20 8.73
C LEU A 350 -3.06 17.33 9.74
N MET A 351 -4.17 17.34 10.46
CA MET A 351 -4.44 18.38 11.44
C MET A 351 -4.73 17.76 12.81
N LEU A 352 -4.22 18.41 13.86
CA LEU A 352 -4.47 18.01 15.24
C LEU A 352 -5.01 19.21 15.98
N SER A 353 -6.24 19.13 16.46
CA SER A 353 -6.88 20.20 17.19
C SER A 353 -7.16 19.73 18.62
N TRP A 354 -6.68 20.49 19.59
CA TRP A 354 -6.88 20.19 21.01
C TRP A 354 -7.98 21.11 21.52
N GLU A 355 -9.14 20.53 21.83
CA GLU A 355 -10.31 21.30 22.26
C GLU A 355 -10.47 21.24 23.78
N SER A 356 -9.42 21.69 24.47
CA SER A 356 -9.40 21.65 25.93
C SER A 356 -10.53 22.51 26.50
N SER A 357 -11.22 21.96 27.49
CA SER A 357 -12.35 22.65 28.13
C SER A 357 -12.31 22.48 29.64
N LEU A 372 -25.51 20.09 25.21
CA LEU A 372 -25.58 19.41 23.92
C LEU A 372 -24.21 19.32 23.27
N ALA A 373 -24.12 18.54 22.20
CA ALA A 373 -22.88 18.30 21.49
C ALA A 373 -23.16 18.26 20.00
N PRO A 374 -22.16 18.55 19.16
CA PRO A 374 -22.37 18.51 17.71
C PRO A 374 -22.59 17.10 17.18
N VAL A 375 -22.79 16.97 15.87
CA VAL A 375 -23.09 15.68 15.26
C VAL A 375 -21.82 15.09 14.66
N ARG A 376 -21.96 14.02 13.90
CA ARG A 376 -20.82 13.35 13.30
C ARG A 376 -20.29 14.15 12.12
N GLU A 377 -18.98 14.39 12.11
CA GLU A 377 -18.36 15.16 11.04
C GLU A 377 -18.26 14.31 9.78
N ARG A 378 -18.89 14.77 8.69
CA ARG A 378 -18.89 14.05 7.43
C ARG A 378 -18.08 14.77 6.35
N SER A 379 -17.38 15.85 6.71
CA SER A 379 -16.57 16.61 5.78
C SER A 379 -15.11 16.52 6.19
N ALA A 380 -14.23 16.35 5.20
CA ALA A 380 -12.79 16.18 5.44
C ALA A 380 -12.02 17.17 4.57
N GLN A 381 -11.57 18.26 5.18
CA GLN A 381 -10.73 19.22 4.47
C GLN A 381 -9.29 18.73 4.32
N PHE A 382 -8.88 17.75 5.11
CA PHE A 382 -7.54 17.18 5.05
C PHE A 382 -7.65 15.65 5.01
N ASP A 383 -6.51 14.98 4.88
CA ASP A 383 -6.50 13.53 4.89
C ASP A 383 -6.98 12.98 6.23
N LEU A 384 -6.36 13.44 7.32
CA LEU A 384 -6.75 13.04 8.66
C LEU A 384 -6.78 14.28 9.54
N SER A 385 -7.84 14.42 10.33
CA SER A 385 -7.96 15.50 11.31
C SER A 385 -8.30 14.88 12.66
N LEU A 386 -7.35 14.94 13.59
CA LEU A 386 -7.52 14.36 14.91
C LEU A 386 -7.97 15.44 15.89
N HIS A 387 -9.18 15.29 16.41
CA HIS A 387 -9.74 16.21 17.40
C HIS A 387 -9.79 15.51 18.75
N LEU A 388 -9.20 16.15 19.76
CA LEU A 388 -9.16 15.58 21.11
C LEU A 388 -9.48 16.67 22.13
N HIS A 389 -10.08 16.24 23.24
CA HIS A 389 -10.43 17.16 24.31
C HIS A 389 -10.27 16.43 25.65
N GLU A 390 -10.13 17.23 26.71
CA GLU A 390 -10.01 16.70 28.07
C GLU A 390 -11.40 16.63 28.68
N ALA A 391 -11.86 15.41 28.96
CA ALA A 391 -13.20 15.20 29.48
C ALA A 391 -13.28 15.59 30.95
N ALA A 392 -14.45 15.38 31.55
CA ALA A 392 -14.66 15.76 32.94
C ALA A 392 -13.93 14.81 33.89
N ASP A 393 -14.00 13.50 33.62
CA ASP A 393 -13.37 12.49 34.47
C ASP A 393 -11.87 12.36 34.23
N GLY A 394 -11.21 13.40 33.71
CA GLY A 394 -9.79 13.36 33.45
C GLY A 394 -9.38 12.60 32.21
N THR A 395 -10.31 11.88 31.56
CA THR A 395 -9.98 11.14 30.37
C THR A 395 -9.87 12.06 29.16
N VAL A 396 -9.20 11.57 28.11
CA VAL A 396 -9.03 12.29 26.86
C VAL A 396 -9.88 11.58 25.81
N ALA A 397 -10.79 12.32 25.19
CA ALA A 397 -11.70 11.78 24.19
C ALA A 397 -11.73 12.70 22.98
N GLY A 398 -12.28 12.19 21.89
CA GLY A 398 -12.40 12.96 20.68
C GLY A 398 -12.74 12.08 19.50
N SER A 399 -12.38 12.55 18.31
CA SER A 399 -12.69 11.85 17.07
C SER A 399 -11.54 11.99 16.10
N LEU A 400 -11.54 11.12 15.09
CA LEU A 400 -10.56 11.16 14.00
C LEU A 400 -11.33 11.14 12.68
N THR A 401 -11.35 12.28 12.00
CA THR A 401 -12.06 12.42 10.73
C THR A 401 -11.11 12.12 9.58
N TYR A 402 -11.55 11.28 8.65
CA TYR A 402 -10.73 10.85 7.54
C TYR A 402 -11.45 11.07 6.22
N ALA A 403 -10.67 11.24 5.15
CA ALA A 403 -11.20 11.35 3.81
C ALA A 403 -11.55 9.95 3.31
N SER A 404 -12.85 9.69 3.09
CA SER A 404 -13.30 8.36 2.70
C SER A 404 -12.77 7.93 1.35
N ALA A 405 -12.37 8.87 0.49
CA ALA A 405 -11.81 8.51 -0.80
C ALA A 405 -10.41 7.92 -0.69
N LEU A 406 -9.73 8.14 0.44
CA LEU A 406 -8.36 7.66 0.62
C LEU A 406 -8.27 6.43 1.51
N TYR A 407 -9.05 6.38 2.59
CA TYR A 407 -8.92 5.32 3.58
C TYR A 407 -10.25 4.61 3.80
N GLU A 408 -10.16 3.33 4.13
CA GLU A 408 -11.30 2.58 4.63
C GLU A 408 -11.39 2.75 6.16
N ARG A 409 -12.56 2.43 6.70
CA ARG A 409 -12.79 2.66 8.12
C ARG A 409 -11.87 1.80 8.98
N GLU A 410 -11.63 0.55 8.57
CA GLU A 410 -10.77 -0.34 9.36
C GLU A 410 -9.33 0.15 9.39
N THR A 411 -8.88 0.80 8.32
CA THR A 411 -7.52 1.35 8.30
C THR A 411 -7.38 2.48 9.32
N VAL A 412 -8.40 3.35 9.42
CA VAL A 412 -8.35 4.45 10.37
C VAL A 412 -8.44 3.93 11.79
N GLN A 413 -9.20 2.86 12.02
CA GLN A 413 -9.29 2.27 13.35
C GLN A 413 -7.96 1.68 13.79
N ARG A 414 -7.25 0.99 12.88
CA ARG A 414 -5.91 0.53 13.20
C ARG A 414 -4.96 1.69 13.43
N HIS A 415 -5.14 2.79 12.68
CA HIS A 415 -4.31 3.97 12.87
C HIS A 415 -4.47 4.53 14.28
N ALA A 416 -5.71 4.64 14.75
CA ALA A 416 -5.95 5.13 16.10
C ALA A 416 -5.43 4.15 17.15
N GLY A 417 -5.45 2.85 16.85
CA GLY A 417 -4.88 1.88 17.77
C GLY A 417 -3.38 2.00 17.89
N TYR A 418 -2.69 2.29 16.79
CA TYR A 418 -1.25 2.47 16.83
C TYR A 418 -0.88 3.67 17.71
N LEU A 419 -1.63 4.76 17.58
CA LEU A 419 -1.33 5.96 18.36
C LEU A 419 -1.49 5.70 19.85
N LYS A 420 -2.58 5.03 20.24
CA LYS A 420 -2.78 4.69 21.64
C LYS A 420 -1.71 3.72 22.12
N ALA A 421 -1.29 2.79 21.27
CA ALA A 421 -0.21 1.88 21.63
C ALA A 421 1.12 2.61 21.74
N LEU A 422 1.36 3.59 20.87
CA LEU A 422 2.60 4.36 20.93
C LEU A 422 2.63 5.25 22.16
N LEU A 423 1.49 5.86 22.51
CA LEU A 423 1.42 6.70 23.69
C LEU A 423 1.65 5.89 24.96
N ALA A 424 1.16 4.65 25.00
CA ALA A 424 1.37 3.81 26.17
C ALA A 424 2.84 3.44 26.33
N GLY A 425 3.54 3.18 25.22
CA GLY A 425 4.95 2.87 25.29
C GLY A 425 5.80 4.06 25.73
N MET A 426 5.39 5.27 25.35
CA MET A 426 6.10 6.46 25.80
C MET A 426 5.96 6.64 27.31
N VAL A 427 4.81 6.28 27.87
CA VAL A 427 4.63 6.34 29.31
C VAL A 427 5.42 5.24 30.01
N ALA A 428 5.50 4.07 29.37
CA ALA A 428 6.22 2.95 29.98
C ALA A 428 7.71 3.24 30.11
N ASP A 429 8.29 3.88 29.10
CA ASP A 429 9.71 4.22 29.14
C ASP A 429 9.95 5.38 28.19
N ASP A 430 10.32 6.54 28.75
CA ASP A 430 10.57 7.74 27.96
C ASP A 430 12.01 7.85 27.49
N THR A 431 12.80 6.78 27.61
CA THR A 431 14.19 6.79 27.19
C THR A 431 14.47 5.89 26.00
N GLN A 432 13.53 5.03 25.62
CA GLN A 432 13.73 4.12 24.51
C GLN A 432 13.60 4.85 23.17
N PRO A 433 14.14 4.29 22.10
CA PRO A 433 13.91 4.86 20.77
C PRO A 433 12.42 4.87 20.44
N VAL A 434 11.94 6.02 19.98
CA VAL A 434 10.51 6.19 19.79
C VAL A 434 10.02 5.45 18.55
N GLN A 435 10.86 5.33 17.52
CA GLN A 435 10.45 4.71 16.26
C GLN A 435 10.51 3.20 16.31
N ARG A 436 10.89 2.60 17.43
CA ARG A 436 10.92 1.15 17.58
C ARG A 436 9.94 0.64 18.64
N ILE A 437 9.07 1.51 19.15
CA ILE A 437 8.04 1.09 20.08
C ILE A 437 7.02 0.23 19.35
N GLY A 438 6.64 -0.89 19.95
CA GLY A 438 5.68 -1.78 19.31
C GLY A 438 4.31 -1.13 19.22
N ILE A 439 3.76 -1.10 18.01
CA ILE A 439 2.46 -0.49 17.78
C ILE A 439 1.42 -1.48 17.26
N LEU A 440 1.82 -2.62 16.72
CA LEU A 440 0.86 -3.57 16.16
C LEU A 440 0.04 -4.22 17.27
N GLY A 441 -1.27 -4.24 17.08
CA GLY A 441 -2.12 -5.05 17.93
C GLY A 441 -1.92 -6.53 17.66
N GLU A 442 -2.30 -7.35 18.64
CA GLU A 442 -2.09 -8.78 18.51
C GLU A 442 -2.97 -9.37 17.41
N ALA A 443 -4.16 -8.81 17.18
CA ALA A 443 -5.04 -9.33 16.16
C ALA A 443 -4.45 -9.15 14.76
N GLU A 444 -3.93 -7.95 14.47
CA GLU A 444 -3.34 -7.70 13.17
C GLU A 444 -2.04 -8.49 13.00
N ARG A 445 -1.25 -8.62 14.07
CA ARG A 445 0.00 -9.37 13.97
C ARG A 445 -0.26 -10.83 13.62
N HIS A 446 -1.26 -11.43 14.25
CA HIS A 446 -1.60 -12.82 13.94
C HIS A 446 -2.17 -12.92 12.52
N ARG A 447 -2.92 -11.91 12.07
CA ARG A 447 -3.44 -11.93 10.71
C ARG A 447 -2.33 -11.79 9.69
N LEU A 448 -1.34 -10.93 9.96
CA LEU A 448 -0.25 -10.74 9.02
C LEU A 448 0.65 -11.96 8.93
N LEU A 449 0.99 -12.55 10.08
CA LEU A 449 1.97 -13.64 10.13
C LEU A 449 1.36 -15.00 9.87
N VAL A 450 0.17 -15.29 10.39
CA VAL A 450 -0.41 -16.63 10.35
C VAL A 450 -1.59 -16.71 9.37
N GLU A 451 -2.61 -15.86 9.57
CA GLU A 451 -3.85 -16.00 8.82
C GLU A 451 -3.62 -15.78 7.32
N TRP A 452 -2.86 -14.76 6.96
CA TRP A 452 -2.57 -14.51 5.55
C TRP A 452 -1.44 -15.38 5.02
N ASN A 453 -0.92 -16.31 5.83
CA ASN A 453 0.07 -17.29 5.39
C ASN A 453 -0.45 -18.71 5.55
N ASP A 454 -1.76 -18.89 5.64
CA ASP A 454 -2.37 -20.21 5.81
C ASP A 454 -2.44 -20.91 4.45
N THR A 455 -1.27 -21.37 4.01
CA THR A 455 -1.12 -21.98 2.70
C THR A 455 -0.68 -23.44 2.78
N ALA A 456 -0.80 -24.06 3.95
CA ALA A 456 -0.39 -25.44 4.13
C ALA A 456 -1.29 -26.35 3.31
N ARG A 457 -0.72 -27.05 2.34
CA ARG A 457 -1.43 -27.99 1.50
C ARG A 457 -0.69 -29.32 1.50
N GLU A 458 -1.43 -30.42 1.59
CA GLU A 458 -0.83 -31.74 1.73
C GLU A 458 -0.44 -32.26 0.35
N HIS A 459 0.86 -32.14 0.02
CA HIS A 459 1.43 -32.68 -1.20
C HIS A 459 2.42 -33.80 -0.85
N PRO A 460 2.59 -34.79 -1.73
CA PRO A 460 3.54 -35.87 -1.45
C PRO A 460 4.98 -35.35 -1.41
N ARG A 461 5.57 -35.34 -0.21
CA ARG A 461 6.95 -34.89 -0.02
C ARG A 461 7.97 -35.99 -0.31
N THR A 462 7.58 -37.04 -1.03
CA THR A 462 8.47 -38.14 -1.34
C THR A 462 8.73 -38.31 -2.83
N VAL A 463 8.22 -37.42 -3.67
CA VAL A 463 8.30 -37.55 -5.12
C VAL A 463 9.27 -36.50 -5.67
N CYS A 464 10.03 -36.89 -6.69
CA CYS A 464 10.93 -35.99 -7.39
C CYS A 464 10.29 -35.49 -8.68
N VAL A 465 10.97 -34.54 -9.33
CA VAL A 465 10.40 -33.88 -10.50
C VAL A 465 10.19 -34.88 -11.63
N HIS A 466 11.22 -35.67 -11.95
CA HIS A 466 11.12 -36.62 -13.04
C HIS A 466 10.11 -37.72 -12.74
N GLU A 467 9.86 -38.00 -11.46
CA GLU A 467 8.88 -39.03 -11.11
C GLU A 467 7.46 -38.58 -11.41
N LEU A 468 7.20 -37.27 -11.36
CA LEU A 468 5.91 -36.75 -11.79
C LEU A 468 5.69 -37.06 -13.27
N PHE A 469 6.72 -36.90 -14.09
CA PHE A 469 6.63 -37.27 -15.50
C PHE A 469 6.45 -38.78 -15.66
N GLU A 470 7.22 -39.57 -14.91
CA GLU A 470 7.13 -41.02 -15.04
C GLU A 470 5.76 -41.54 -14.64
N GLN A 471 5.14 -40.92 -13.62
CA GLN A 471 3.79 -41.31 -13.24
C GLN A 471 2.78 -40.99 -14.34
N GLN A 472 3.01 -39.92 -15.09
CA GLN A 472 2.13 -39.57 -16.19
C GLN A 472 2.36 -40.46 -17.40
N VAL A 473 3.59 -40.95 -17.59
CA VAL A 473 3.87 -41.89 -18.68
C VAL A 473 3.03 -43.14 -18.52
N GLU A 474 2.89 -43.64 -17.29
CA GLU A 474 2.10 -44.84 -17.06
C GLU A 474 0.61 -44.60 -17.30
N ARG A 475 0.14 -43.36 -17.08
CA ARG A 475 -1.27 -43.08 -17.26
C ARG A 475 -1.63 -42.93 -18.74
N SER A 476 -0.76 -42.31 -19.54
CA SER A 476 -1.02 -42.06 -20.95
C SER A 476 0.27 -42.26 -21.73
N PRO A 477 0.69 -43.51 -21.94
CA PRO A 477 1.97 -43.74 -22.64
C PRO A 477 1.96 -43.32 -24.10
N ASP A 478 0.81 -43.44 -24.78
CA ASP A 478 0.73 -43.13 -26.20
C ASP A 478 0.25 -41.71 -26.49
N ALA A 479 -0.01 -40.91 -25.45
CA ALA A 479 -0.37 -39.51 -25.66
C ALA A 479 0.85 -38.72 -26.13
N VAL A 480 0.57 -37.64 -26.87
CA VAL A 480 1.64 -36.79 -27.38
C VAL A 480 2.22 -35.98 -26.24
N ALA A 481 3.55 -35.97 -26.13
CA ALA A 481 4.25 -35.22 -25.08
C ALA A 481 5.07 -34.05 -25.61
N LEU A 482 5.78 -34.23 -26.72
CA LEU A 482 6.67 -33.22 -27.26
C LEU A 482 6.38 -33.00 -28.74
N VAL A 483 6.40 -31.74 -29.15
CA VAL A 483 6.23 -31.36 -30.55
C VAL A 483 7.34 -30.38 -30.91
N TYR A 484 8.02 -30.63 -32.03
CA TYR A 484 9.09 -29.74 -32.48
C TYR A 484 9.20 -29.82 -34.00
N GLU A 485 8.72 -28.78 -34.68
CA GLU A 485 8.90 -28.62 -36.13
C GLU A 485 8.42 -29.86 -36.89
N GLY A 486 7.25 -30.37 -36.52
CA GLY A 486 6.68 -31.55 -37.14
C GLY A 486 6.99 -32.84 -36.42
N GLN A 487 8.18 -32.96 -35.83
CA GLN A 487 8.53 -34.17 -35.07
C GLN A 487 7.71 -34.25 -33.79
N GLN A 488 7.36 -35.48 -33.41
CA GLN A 488 6.58 -35.73 -32.20
C GLN A 488 7.20 -36.86 -31.41
N LEU A 489 7.07 -36.78 -30.09
CA LEU A 489 7.45 -37.85 -29.19
C LEU A 489 6.31 -38.07 -28.20
N SER A 490 5.88 -39.33 -28.08
CA SER A 490 4.87 -39.67 -27.10
C SER A 490 5.50 -39.72 -25.71
N TYR A 491 4.65 -39.90 -24.69
CA TYR A 491 5.16 -39.99 -23.33
C TYR A 491 6.08 -41.18 -23.15
N ARG A 492 5.72 -42.33 -23.74
N ARG A 492 5.73 -42.33 -23.75
CA ARG A 492 6.57 -43.52 -23.64
CA ARG A 492 6.59 -43.50 -23.62
C ARG A 492 7.88 -43.32 -24.41
C ARG A 492 7.89 -43.34 -24.41
N GLU A 493 7.80 -42.76 -25.62
CA GLU A 493 9.01 -42.57 -26.41
C GLU A 493 9.97 -41.59 -25.76
N LEU A 494 9.43 -40.49 -25.21
CA LEU A 494 10.27 -39.53 -24.50
C LEU A 494 10.89 -40.16 -23.26
N ASP A 495 10.12 -40.95 -22.51
CA ASP A 495 10.65 -41.58 -21.31
C ASP A 495 11.76 -42.56 -21.66
N ARG A 496 11.57 -43.34 -22.72
CA ARG A 496 12.59 -44.33 -23.11
C ARG A 496 13.88 -43.64 -23.56
N GLN A 497 13.77 -42.56 -24.33
CA GLN A 497 14.96 -41.82 -24.73
C GLN A 497 15.68 -41.25 -23.52
N ALA A 498 14.94 -40.70 -22.55
CA ALA A 498 15.56 -40.15 -21.35
C ALA A 498 16.21 -41.24 -20.52
N ASN A 499 15.60 -42.44 -20.48
CA ASN A 499 16.17 -43.53 -19.70
C ASN A 499 17.50 -44.00 -20.29
N ARG A 500 17.60 -44.02 -21.63
CA ARG A 500 18.85 -44.42 -22.25
C ARG A 500 19.97 -43.45 -21.91
N LEU A 501 19.71 -42.14 -22.07
CA LEU A 501 20.72 -41.15 -21.76
C LEU A 501 21.03 -41.09 -20.26
N ALA A 502 20.02 -41.37 -19.42
CA ALA A 502 20.27 -41.35 -17.98
C ALA A 502 21.22 -42.47 -17.56
N ARG A 503 21.14 -43.62 -18.22
CA ARG A 503 22.07 -44.71 -17.92
C ARG A 503 23.48 -44.35 -18.37
N GLN A 504 23.62 -43.63 -19.49
CA GLN A 504 24.95 -43.20 -19.92
C GLN A 504 25.52 -42.17 -18.95
N LEU A 505 24.66 -41.32 -18.39
CA LEU A 505 25.11 -40.38 -17.37
C LEU A 505 25.51 -41.11 -16.10
N LYS A 506 24.76 -42.14 -15.72
CA LYS A 506 25.10 -42.90 -14.52
C LYS A 506 26.47 -43.56 -14.65
N ALA A 507 26.79 -44.07 -15.84
CA ALA A 507 28.10 -44.65 -16.09
C ALA A 507 29.22 -43.63 -16.05
N LEU A 508 28.90 -42.34 -16.09
CA LEU A 508 29.90 -41.27 -16.03
C LEU A 508 29.89 -40.56 -14.68
N GLY A 509 29.39 -41.21 -13.64
CA GLY A 509 29.47 -40.67 -12.29
C GLY A 509 28.37 -39.72 -11.88
N VAL A 510 27.36 -39.52 -12.72
CA VAL A 510 26.27 -38.61 -12.35
C VAL A 510 25.44 -39.25 -11.25
N GLY A 511 25.16 -38.47 -10.21
CA GLY A 511 24.39 -38.93 -9.08
C GLY A 511 23.83 -37.78 -8.27
N PRO A 512 23.36 -38.08 -7.06
CA PRO A 512 22.74 -37.04 -6.23
C PRO A 512 23.68 -35.86 -5.99
N ASP A 513 23.16 -34.66 -6.22
CA ASP A 513 23.82 -33.37 -6.06
C ASP A 513 24.93 -33.11 -7.09
N GLU A 514 25.24 -34.07 -7.96
CA GLU A 514 26.18 -33.81 -9.03
C GLU A 514 25.50 -33.02 -10.15
N ARG A 515 26.25 -32.12 -10.77
CA ARG A 515 25.70 -31.25 -11.80
C ARG A 515 26.01 -31.79 -13.19
N VAL A 516 25.11 -31.52 -14.12
CA VAL A 516 25.27 -31.85 -15.53
C VAL A 516 24.94 -30.59 -16.33
N ALA A 517 25.95 -30.00 -16.95
CA ALA A 517 25.71 -28.85 -17.81
C ALA A 517 25.06 -29.28 -19.11
N VAL A 518 24.13 -28.47 -19.60
CA VAL A 518 23.40 -28.74 -20.84
C VAL A 518 23.51 -27.51 -21.73
N CYS A 519 24.07 -27.68 -22.91
CA CYS A 519 24.25 -26.59 -23.87
C CYS A 519 23.61 -27.01 -25.19
N THR A 520 22.43 -26.48 -25.48
CA THR A 520 21.70 -26.83 -26.69
C THR A 520 20.69 -25.76 -27.01
N GLU A 521 20.37 -25.63 -28.29
CA GLU A 521 19.20 -24.87 -28.69
C GLU A 521 17.95 -25.69 -28.43
N ARG A 522 16.79 -25.08 -28.64
CA ARG A 522 15.54 -25.80 -28.45
C ARG A 522 15.39 -26.90 -29.50
N CYS A 523 14.98 -28.07 -29.05
CA CYS A 523 14.73 -29.24 -29.90
C CYS A 523 14.14 -30.32 -29.00
N LEU A 524 13.81 -31.46 -29.61
CA LEU A 524 13.33 -32.59 -28.81
C LEU A 524 14.37 -33.01 -27.78
N GLU A 525 15.65 -33.01 -28.18
CA GLU A 525 16.70 -33.53 -27.32
C GLU A 525 16.97 -32.66 -26.10
N MET A 526 16.55 -31.39 -26.13
CA MET A 526 16.69 -30.54 -24.95
C MET A 526 15.90 -31.12 -23.78
N VAL A 527 14.65 -31.53 -24.03
CA VAL A 527 13.84 -32.11 -22.97
C VAL A 527 14.34 -33.50 -22.58
N VAL A 528 14.82 -34.27 -23.57
CA VAL A 528 15.44 -35.55 -23.27
C VAL A 528 16.60 -35.37 -22.30
N ALA A 529 17.42 -34.35 -22.53
CA ALA A 529 18.59 -34.13 -21.68
C ALA A 529 18.17 -33.79 -20.26
N LEU A 530 17.22 -32.86 -20.11
CA LEU A 530 16.81 -32.42 -18.78
C LEU A 530 16.22 -33.59 -17.99
N LEU A 531 15.35 -34.38 -18.61
CA LEU A 531 14.75 -35.52 -17.94
C LEU A 531 15.80 -36.58 -17.60
N ALA A 532 16.79 -36.76 -18.49
CA ALA A 532 17.81 -37.78 -18.26
C ALA A 532 18.70 -37.41 -17.09
N VAL A 533 19.05 -36.12 -16.97
CA VAL A 533 19.83 -35.67 -15.82
C VAL A 533 19.06 -35.92 -14.53
N LEU A 534 17.78 -35.57 -14.51
CA LEU A 534 16.97 -35.79 -13.30
C LEU A 534 16.82 -37.28 -13.02
N LYS A 535 16.67 -38.10 -14.05
CA LYS A 535 16.53 -39.54 -13.85
C LYS A 535 17.83 -40.15 -13.35
N ALA A 536 18.97 -39.66 -13.84
CA ALA A 536 20.26 -40.14 -13.35
C ALA A 536 20.58 -39.66 -11.94
N GLY A 537 19.74 -38.80 -11.36
CA GLY A 537 19.92 -38.33 -10.00
C GLY A 537 20.70 -37.03 -9.87
N GLY A 538 21.06 -36.39 -10.99
CA GLY A 538 21.82 -35.16 -10.95
C GLY A 538 20.95 -33.92 -11.08
N ALA A 539 21.62 -32.78 -11.19
CA ALA A 539 20.98 -31.48 -11.37
C ALA A 539 21.49 -30.87 -12.66
N TYR A 540 20.58 -30.35 -13.48
CA TYR A 540 20.98 -29.82 -14.77
C TYR A 540 21.33 -28.33 -14.66
N VAL A 541 22.30 -27.91 -15.47
CA VAL A 541 22.75 -26.54 -15.51
C VAL A 541 22.56 -26.03 -16.93
N PRO A 542 21.52 -25.22 -17.18
CA PRO A 542 21.23 -24.78 -18.54
C PRO A 542 22.23 -23.73 -19.01
N LEU A 543 22.85 -23.99 -20.16
CA LEU A 543 23.82 -23.08 -20.77
C LEU A 543 23.26 -22.66 -22.13
N ASP A 544 22.65 -21.48 -22.18
CA ASP A 544 22.09 -20.96 -23.42
C ASP A 544 23.20 -20.60 -24.38
N PRO A 545 23.26 -21.22 -25.57
CA PRO A 545 24.34 -20.90 -26.51
C PRO A 545 24.34 -19.45 -26.98
N GLY A 546 23.23 -18.72 -26.81
CA GLY A 546 23.19 -17.32 -27.22
C GLY A 546 24.06 -16.41 -26.39
N TYR A 547 24.42 -16.83 -25.17
CA TYR A 547 25.27 -16.04 -24.31
C TYR A 547 26.71 -16.05 -24.81
N PRO A 548 27.49 -15.03 -24.49
CA PRO A 548 28.89 -15.00 -24.93
C PRO A 548 29.70 -16.15 -24.35
N ALA A 549 30.77 -16.51 -25.05
CA ALA A 549 31.57 -17.67 -24.65
C ALA A 549 32.19 -17.47 -23.27
N GLU A 550 32.57 -16.24 -22.93
CA GLU A 550 33.16 -15.98 -21.62
C GLU A 550 32.18 -16.32 -20.50
N ARG A 551 30.89 -16.02 -20.70
N ARG A 551 30.89 -16.04 -20.70
CA ARG A 551 29.89 -16.32 -19.70
CA ARG A 551 29.91 -16.33 -19.66
C ARG A 551 29.67 -17.83 -19.58
C ARG A 551 29.64 -17.83 -19.58
N LEU A 552 29.53 -18.50 -20.73
CA LEU A 552 29.30 -19.95 -20.71
C LEU A 552 30.48 -20.69 -20.10
N GLU A 553 31.70 -20.21 -20.35
CA GLU A 553 32.89 -20.86 -19.79
C GLU A 553 32.98 -20.67 -18.28
N TYR A 554 32.54 -19.52 -17.78
CA TYR A 554 32.53 -19.32 -16.33
C TYR A 554 31.52 -20.24 -15.65
N MET A 555 30.28 -20.26 -16.14
CA MET A 555 29.27 -21.13 -15.56
C MET A 555 29.65 -22.59 -15.68
N LEU A 556 30.33 -22.95 -16.77
CA LEU A 556 30.77 -24.34 -16.94
C LEU A 556 31.85 -24.70 -15.93
N ALA A 557 32.72 -23.74 -15.60
CA ALA A 557 33.77 -24.01 -14.62
C ALA A 557 33.25 -23.85 -13.19
N ASP A 558 32.36 -22.90 -12.96
CA ASP A 558 31.86 -22.67 -11.60
C ASP A 558 30.99 -23.83 -11.11
N SER A 559 30.13 -24.35 -11.98
CA SER A 559 29.25 -25.44 -11.57
C SER A 559 30.00 -26.76 -11.41
N ALA A 560 31.18 -26.89 -12.01
CA ALA A 560 32.00 -28.10 -11.94
C ALA A 560 31.17 -29.36 -12.19
N PRO A 561 30.60 -29.50 -13.39
CA PRO A 561 29.71 -30.65 -13.65
C PRO A 561 30.50 -31.91 -13.93
N LYS A 562 29.82 -33.04 -13.71
CA LYS A 562 30.40 -34.33 -14.09
C LYS A 562 30.37 -34.52 -15.60
N VAL A 563 29.29 -34.09 -16.25
CA VAL A 563 29.08 -34.31 -17.68
C VAL A 563 28.59 -33.01 -18.31
N LEU A 564 29.01 -32.76 -19.54
CA LEU A 564 28.46 -31.69 -20.37
C LEU A 564 27.69 -32.33 -21.52
N LEU A 565 26.37 -32.19 -21.52
CA LEU A 565 25.54 -32.61 -22.64
C LEU A 565 25.52 -31.48 -23.67
N ARG A 566 26.01 -31.77 -24.87
CA ARG A 566 26.25 -30.74 -25.87
C ARG A 566 25.53 -31.08 -27.16
N GLN A 567 24.79 -30.12 -27.70
CA GLN A 567 24.20 -30.28 -29.02
C GLN A 567 25.28 -30.25 -30.09
N SER A 568 25.08 -31.05 -31.13
N SER A 568 25.08 -31.04 -31.15
CA SER A 568 26.03 -31.05 -32.24
CA SER A 568 26.02 -31.05 -32.25
C SER A 568 26.06 -29.68 -32.92
C SER A 568 26.06 -29.68 -32.91
N GLY A 569 27.27 -29.20 -33.18
CA GLY A 569 27.49 -27.86 -33.72
C GLY A 569 28.03 -26.89 -32.68
N GLN A 570 27.73 -27.12 -31.40
CA GLN A 570 28.30 -26.32 -30.33
C GLN A 570 29.74 -26.74 -30.08
N THR A 571 30.61 -25.75 -29.89
CA THR A 571 32.04 -25.98 -29.74
C THR A 571 32.52 -25.78 -28.30
N LEU A 572 31.61 -25.65 -27.35
CA LEU A 572 32.00 -25.43 -25.96
C LEU A 572 32.75 -26.64 -25.42
N GLU A 573 33.98 -26.41 -24.96
CA GLU A 573 34.83 -27.46 -24.40
C GLU A 573 35.16 -27.14 -22.95
N PRO A 574 34.81 -28.00 -22.00
CA PRO A 574 35.09 -27.70 -20.59
C PRO A 574 36.53 -27.98 -20.17
N GLY A 575 37.11 -29.05 -20.70
CA GLY A 575 38.34 -29.54 -20.11
C GLY A 575 38.08 -29.98 -18.69
N ALA A 576 39.10 -29.81 -17.84
CA ALA A 576 38.99 -30.02 -16.39
C ALA A 576 38.44 -31.41 -16.03
N GLY A 577 38.69 -32.40 -16.88
CA GLY A 577 38.21 -33.73 -16.60
C GLY A 577 36.71 -33.93 -16.75
N VAL A 578 36.01 -32.99 -17.36
CA VAL A 578 34.56 -33.11 -17.54
C VAL A 578 34.26 -33.95 -18.76
N ALA A 579 33.37 -34.93 -18.60
CA ALA A 579 32.97 -35.77 -19.71
C ALA A 579 31.99 -35.04 -20.62
N VAL A 580 32.21 -35.13 -21.92
CA VAL A 580 31.36 -34.48 -22.91
C VAL A 580 30.63 -35.56 -23.70
N LEU A 581 29.30 -35.49 -23.67
CA LEU A 581 28.43 -36.39 -24.43
C LEU A 581 27.64 -35.60 -25.46
N ALA A 582 27.59 -36.10 -26.68
CA ALA A 582 26.80 -35.48 -27.72
C ALA A 582 25.31 -35.71 -27.44
N LEU A 583 24.52 -34.64 -27.51
CA LEU A 583 23.11 -34.72 -27.23
C LEU A 583 22.28 -35.15 -28.43
N ASP A 584 22.70 -34.78 -29.64
CA ASP A 584 22.05 -35.20 -30.86
C ASP A 584 23.13 -35.55 -31.88
N GLY A 585 22.71 -35.74 -33.13
CA GLY A 585 23.65 -36.02 -34.20
C GLY A 585 24.17 -37.44 -34.16
N GLU A 586 25.08 -37.73 -35.09
CA GLU A 586 25.63 -39.07 -35.21
C GLU A 586 26.50 -39.44 -34.02
N ALA A 587 27.12 -38.46 -33.37
CA ALA A 587 27.96 -38.74 -32.21
C ALA A 587 27.14 -39.10 -30.97
N SER A 588 25.82 -38.89 -31.00
CA SER A 588 24.96 -39.30 -29.90
C SER A 588 24.47 -40.74 -30.03
N GLN A 589 24.72 -41.39 -31.17
CA GLN A 589 24.25 -42.75 -31.37
C GLN A 589 24.75 -43.77 -30.36
N PRO A 590 25.98 -43.70 -29.81
CA PRO A 590 26.42 -44.75 -28.87
C PRO A 590 25.47 -45.00 -27.70
N TRP A 591 24.94 -43.96 -27.05
CA TRP A 591 24.09 -44.22 -25.89
C TRP A 591 22.68 -44.62 -26.28
N GLN A 592 22.39 -44.78 -27.58
CA GLN A 592 21.15 -45.45 -27.97
C GLN A 592 21.19 -46.95 -27.71
N ALA A 593 22.39 -47.51 -27.49
CA ALA A 593 22.53 -48.91 -27.15
C ALA A 593 22.16 -49.22 -25.72
N GLN A 594 22.04 -48.22 -24.86
CA GLN A 594 21.60 -48.45 -23.49
C GLN A 594 20.16 -48.96 -23.49
N PRO A 595 19.81 -49.82 -22.53
CA PRO A 595 18.42 -50.25 -22.41
C PRO A 595 17.52 -49.07 -22.03
N ALA A 596 16.30 -49.09 -22.55
CA ALA A 596 15.34 -48.01 -22.37
C ALA A 596 14.53 -48.15 -21.08
N GLN A 597 14.84 -49.13 -20.25
CA GLN A 597 14.10 -49.32 -19.01
C GLN A 597 14.43 -48.23 -18.00
N ARG A 598 13.52 -48.04 -17.06
N ARG A 598 13.51 -48.02 -17.06
CA ARG A 598 13.67 -46.99 -16.06
CA ARG A 598 13.69 -46.98 -16.06
C ARG A 598 14.71 -47.40 -15.01
C ARG A 598 14.71 -47.40 -15.02
N LEU A 599 15.55 -46.45 -14.63
CA LEU A 599 16.48 -46.68 -13.52
C LEU A 599 15.69 -46.77 -12.21
N SER A 600 15.99 -47.78 -11.41
CA SER A 600 15.28 -47.95 -10.15
C SER A 600 15.55 -46.78 -9.22
N ARG A 601 14.71 -46.65 -8.19
CA ARG A 601 14.88 -45.59 -7.21
C ARG A 601 16.18 -45.71 -6.44
N ASP A 602 16.73 -46.92 -6.33
CA ASP A 602 17.99 -47.13 -5.64
C ASP A 602 19.19 -47.10 -6.56
N ASP A 603 19.00 -47.34 -7.87
CA ASP A 603 20.10 -47.24 -8.81
C ASP A 603 20.64 -45.81 -8.89
N SER A 604 19.74 -44.83 -8.80
CA SER A 604 20.14 -43.42 -8.79
C SER A 604 20.37 -42.90 -7.37
N GLY A 605 19.43 -43.18 -6.47
CA GLY A 605 19.54 -42.74 -5.10
C GLY A 605 19.07 -41.32 -4.83
N VAL A 606 18.42 -40.68 -5.81
CA VAL A 606 18.00 -39.29 -5.65
C VAL A 606 16.80 -39.23 -4.71
N GLN A 607 16.72 -38.13 -3.96
CA GLN A 607 15.65 -37.90 -3.00
C GLN A 607 15.19 -36.46 -3.15
N PRO A 608 13.99 -36.13 -2.66
CA PRO A 608 13.47 -34.76 -2.85
C PRO A 608 14.39 -33.65 -2.34
N HIS A 609 15.21 -33.93 -1.33
CA HIS A 609 16.10 -32.89 -0.82
C HIS A 609 17.36 -32.70 -1.67
N HIS A 610 17.57 -33.55 -2.66
CA HIS A 610 18.72 -33.40 -3.56
C HIS A 610 18.43 -32.34 -4.61
N LEU A 611 19.48 -31.89 -5.27
CA LEU A 611 19.36 -30.79 -6.22
C LEU A 611 18.65 -31.25 -7.49
N ALA A 612 17.75 -30.39 -7.98
CA ALA A 612 17.10 -30.60 -9.27
C ALA A 612 17.79 -29.83 -10.39
N TYR A 613 18.19 -28.58 -10.13
CA TYR A 613 18.92 -27.81 -11.13
C TYR A 613 19.71 -26.71 -10.43
N VAL A 614 20.70 -26.19 -11.15
CA VAL A 614 21.46 -25.03 -10.74
C VAL A 614 21.34 -24.00 -11.86
N ILE A 615 20.58 -22.95 -11.61
CA ILE A 615 20.33 -21.91 -12.60
C ILE A 615 21.04 -20.63 -12.14
N TYR A 616 21.83 -20.06 -13.04
CA TYR A 616 22.62 -18.88 -12.73
C TYR A 616 21.82 -17.62 -13.02
N THR A 617 21.79 -16.71 -12.05
CA THR A 617 21.35 -15.35 -12.26
C THR A 617 22.57 -14.45 -12.38
N SER A 618 22.45 -13.40 -13.18
CA SER A 618 23.56 -12.48 -13.35
C SER A 618 23.87 -11.68 -12.07
N GLY A 619 23.30 -12.07 -10.93
CA GLY A 619 23.48 -11.28 -9.72
C GLY A 619 22.84 -9.92 -9.92
N SER A 620 23.62 -8.87 -9.66
CA SER A 620 23.19 -7.52 -9.97
C SER A 620 24.29 -6.82 -10.77
N THR A 621 25.51 -6.85 -10.25
CA THR A 621 26.67 -6.30 -10.94
C THR A 621 27.89 -7.13 -10.53
N GLY A 622 28.30 -8.04 -11.40
CA GLY A 622 29.45 -8.88 -11.11
C GLY A 622 29.33 -10.29 -11.65
N ARG A 623 29.90 -11.25 -10.93
CA ARG A 623 29.90 -12.63 -11.42
C ARG A 623 28.53 -13.25 -11.20
N PRO A 624 28.06 -14.08 -12.13
CA PRO A 624 26.79 -14.77 -11.93
C PRO A 624 26.88 -15.80 -10.81
N LYS A 625 25.75 -16.03 -10.15
CA LYS A 625 25.67 -16.92 -9.01
C LYS A 625 24.71 -18.06 -9.31
N GLY A 626 25.17 -19.29 -9.08
CA GLY A 626 24.34 -20.46 -9.34
C GLY A 626 23.39 -20.77 -8.19
N VAL A 627 22.09 -20.67 -8.45
CA VAL A 627 21.08 -20.94 -7.43
C VAL A 627 20.82 -22.44 -7.40
N MET A 628 21.07 -23.07 -6.26
CA MET A 628 20.87 -24.50 -6.07
C MET A 628 19.43 -24.73 -5.61
N VAL A 629 18.63 -25.38 -6.44
CA VAL A 629 17.21 -25.61 -6.17
C VAL A 629 16.97 -27.11 -6.05
N GLU A 630 16.29 -27.51 -4.99
CA GLU A 630 16.08 -28.92 -4.70
C GLU A 630 14.77 -29.41 -5.31
N HIS A 631 14.64 -30.74 -5.42
CA HIS A 631 13.49 -31.35 -6.06
C HIS A 631 12.18 -30.99 -5.35
N ALA A 632 12.21 -31.03 -4.00
CA ALA A 632 10.97 -30.86 -3.24
C ALA A 632 10.30 -29.52 -3.53
N GLY A 633 11.09 -28.46 -3.65
CA GLY A 633 10.52 -27.15 -3.94
C GLY A 633 9.97 -27.06 -5.35
N VAL A 634 10.61 -27.71 -6.31
CA VAL A 634 10.11 -27.71 -7.68
C VAL A 634 8.81 -28.49 -7.78
N VAL A 635 8.74 -29.63 -7.10
CA VAL A 635 7.52 -30.43 -7.10
C VAL A 635 6.36 -29.62 -6.51
N ASN A 636 6.60 -28.92 -5.40
CA ASN A 636 5.57 -28.08 -4.82
C ASN A 636 5.14 -26.98 -5.78
N ARG A 637 6.11 -26.35 -6.45
CA ARG A 637 5.80 -25.29 -7.39
C ARG A 637 4.96 -25.81 -8.55
N LEU A 638 5.25 -27.01 -9.03
CA LEU A 638 4.49 -27.61 -10.12
C LEU A 638 3.12 -28.09 -9.67
N LEU A 639 3.06 -28.75 -8.51
CA LEU A 639 1.77 -29.25 -8.04
C LEU A 639 0.81 -28.12 -7.68
N TRP A 640 1.32 -27.00 -7.19
CA TRP A 640 0.43 -25.86 -6.96
C TRP A 640 -0.13 -25.32 -8.27
N MET A 641 0.69 -25.27 -9.31
CA MET A 641 0.25 -24.67 -10.56
C MET A 641 -0.90 -25.45 -11.18
N GLN A 642 -0.88 -26.78 -11.05
CA GLN A 642 -1.97 -27.59 -11.60
C GLN A 642 -3.23 -27.44 -10.76
N ARG A 643 -3.09 -27.35 -9.44
CA ARG A 643 -4.26 -27.16 -8.58
C ARG A 643 -4.92 -25.81 -8.83
N ALA A 644 -4.14 -24.78 -9.16
CA ALA A 644 -4.70 -23.45 -9.36
C ALA A 644 -5.29 -23.27 -10.76
N TYR A 645 -4.71 -23.89 -11.79
CA TYR A 645 -5.08 -23.59 -13.16
C TYR A 645 -5.65 -24.78 -13.93
N GLY A 646 -5.45 -26.01 -13.45
CA GLY A 646 -6.09 -27.18 -14.03
C GLY A 646 -5.78 -27.44 -15.50
N LEU A 647 -4.51 -27.65 -15.81
CA LEU A 647 -4.13 -27.99 -17.19
C LEU A 647 -4.59 -29.40 -17.51
N GLN A 648 -5.25 -29.56 -18.65
CA GLN A 648 -5.85 -30.83 -19.06
C GLN A 648 -5.01 -31.52 -20.12
N PRO A 649 -5.14 -32.85 -20.25
CA PRO A 649 -4.26 -33.58 -21.19
C PRO A 649 -4.37 -33.13 -22.64
N GLN A 650 -5.53 -32.66 -23.07
CA GLN A 650 -5.71 -32.30 -24.48
C GLN A 650 -5.11 -30.94 -24.83
N GLU A 651 -4.59 -30.20 -23.86
CA GLU A 651 -4.07 -28.87 -24.12
C GLU A 651 -2.60 -28.91 -24.52
N ALA A 652 -2.11 -27.76 -24.99
CA ALA A 652 -0.72 -27.60 -25.39
C ALA A 652 -0.14 -26.37 -24.71
N VAL A 653 1.13 -26.47 -24.34
CA VAL A 653 1.89 -25.36 -23.76
C VAL A 653 3.04 -25.04 -24.70
N LEU A 654 3.34 -23.75 -24.85
CA LEU A 654 4.42 -23.30 -25.74
C LEU A 654 5.69 -23.08 -24.93
N GLN A 655 6.75 -23.76 -25.32
CA GLN A 655 8.07 -23.61 -24.68
C GLN A 655 8.81 -22.51 -25.43
N LYS A 656 8.58 -21.27 -25.00
CA LYS A 656 9.15 -20.10 -25.66
C LYS A 656 10.23 -19.40 -24.85
N THR A 657 10.34 -19.69 -23.56
CA THR A 657 11.30 -18.99 -22.71
C THR A 657 12.66 -19.67 -22.78
N PRO A 658 13.74 -18.91 -22.97
CA PRO A 658 15.08 -19.50 -22.95
C PRO A 658 15.32 -20.27 -21.66
N PHE A 659 15.89 -21.48 -21.79
CA PHE A 659 15.91 -22.38 -20.64
C PHE A 659 16.94 -21.99 -19.59
N GLY A 660 17.69 -20.90 -19.80
CA GLY A 660 18.49 -20.33 -18.74
C GLY A 660 17.68 -19.56 -17.71
N PHE A 661 16.44 -19.19 -18.04
CA PHE A 661 15.53 -18.57 -17.09
C PHE A 661 14.64 -19.62 -16.45
N ASP A 662 14.41 -19.48 -15.14
CA ASP A 662 13.67 -20.52 -14.43
C ASP A 662 12.19 -20.56 -14.80
N VAL A 663 11.69 -19.60 -15.58
CA VAL A 663 10.32 -19.68 -16.08
C VAL A 663 10.14 -20.94 -16.91
N SER A 664 11.19 -21.34 -17.64
CA SER A 664 11.11 -22.54 -18.46
C SER A 664 10.90 -23.81 -17.63
N VAL A 665 11.21 -23.76 -16.33
CA VAL A 665 11.06 -24.93 -15.48
C VAL A 665 9.62 -25.42 -15.49
N TRP A 666 8.66 -24.53 -15.25
CA TRP A 666 7.27 -24.97 -15.30
C TRP A 666 6.79 -25.14 -16.74
N GLU A 667 7.38 -24.41 -17.69
CA GLU A 667 7.05 -24.66 -19.09
C GLU A 667 7.39 -26.09 -19.48
N PHE A 668 8.53 -26.60 -18.99
CA PHE A 668 8.92 -27.97 -19.29
C PHE A 668 8.06 -28.98 -18.54
N PHE A 669 8.00 -28.85 -17.22
CA PHE A 669 7.58 -29.96 -16.37
C PHE A 669 6.13 -29.88 -15.91
N TRP A 670 5.46 -28.74 -16.08
CA TRP A 670 4.03 -28.70 -15.73
C TRP A 670 3.20 -29.53 -16.71
N PRO A 671 3.26 -29.31 -18.03
CA PRO A 671 2.43 -30.16 -18.91
C PRO A 671 2.84 -31.62 -18.89
N LEU A 672 4.14 -31.91 -18.73
CA LEU A 672 4.59 -33.30 -18.73
C LEU A 672 4.18 -34.05 -17.46
N ALA A 673 3.82 -33.34 -16.40
CA ALA A 673 3.38 -33.97 -15.16
C ALA A 673 1.89 -34.23 -15.11
N VAL A 674 1.12 -33.67 -16.04
CA VAL A 674 -0.34 -33.77 -16.01
C VAL A 674 -0.92 -34.42 -17.26
N GLY A 675 -0.14 -34.62 -18.31
CA GLY A 675 -0.61 -35.29 -19.51
C GLY A 675 -0.73 -34.42 -20.74
N ALA A 676 -0.48 -33.12 -20.63
CA ALA A 676 -0.55 -32.25 -21.78
C ALA A 676 0.70 -32.43 -22.65
N ARG A 677 0.69 -31.78 -23.81
CA ARG A 677 1.83 -31.80 -24.71
C ARG A 677 2.55 -30.46 -24.68
N LEU A 678 3.86 -30.51 -24.94
CA LEU A 678 4.72 -29.33 -24.94
C LEU A 678 5.20 -29.07 -26.35
N VAL A 679 4.89 -27.89 -26.88
CA VAL A 679 5.35 -27.48 -28.19
C VAL A 679 6.64 -26.69 -28.02
N MET A 680 7.74 -27.22 -28.56
CA MET A 680 9.03 -26.56 -28.49
C MET A 680 9.11 -25.50 -29.58
N ALA A 681 9.21 -24.23 -29.18
CA ALA A 681 9.27 -23.14 -30.15
C ALA A 681 10.55 -23.23 -30.97
N ARG A 682 10.48 -22.68 -32.18
CA ARG A 682 11.63 -22.64 -33.06
C ARG A 682 12.76 -21.82 -32.42
N PRO A 683 14.01 -22.28 -32.52
CA PRO A 683 15.12 -21.47 -32.01
C PRO A 683 15.23 -20.15 -32.75
N GLN A 684 15.35 -19.06 -31.98
CA GLN A 684 15.39 -17.70 -32.52
C GLN A 684 14.25 -17.44 -33.49
N GLY A 685 13.14 -18.17 -33.33
CA GLY A 685 12.05 -18.08 -34.27
C GLY A 685 11.29 -16.77 -34.18
N GLN A 686 11.22 -16.18 -32.99
CA GLN A 686 10.53 -14.90 -32.81
C GLN A 686 11.25 -13.74 -33.50
N GLN A 687 12.42 -13.96 -34.07
CA GLN A 687 13.01 -12.95 -34.95
C GLN A 687 12.09 -12.68 -36.13
N ASP A 688 11.44 -13.72 -36.65
CA ASP A 688 10.33 -13.55 -37.58
C ASP A 688 9.16 -12.95 -36.81
N PRO A 689 8.73 -11.73 -37.13
CA PRO A 689 7.69 -11.07 -36.31
C PRO A 689 6.36 -11.82 -36.27
N ALA A 690 6.06 -12.65 -37.28
CA ALA A 690 4.78 -13.32 -37.36
C ALA A 690 4.82 -14.75 -36.82
N TYR A 691 5.97 -15.23 -36.36
CA TYR A 691 6.09 -16.62 -35.96
C TYR A 691 5.22 -16.94 -34.74
N LEU A 692 5.18 -16.04 -33.76
CA LEU A 692 4.49 -16.32 -32.51
C LEU A 692 3.00 -16.52 -32.74
N VAL A 693 2.37 -15.59 -33.46
CA VAL A 693 0.93 -15.71 -33.72
C VAL A 693 0.64 -16.95 -34.56
N GLU A 694 1.45 -17.19 -35.60
CA GLU A 694 1.21 -18.34 -36.47
C GLU A 694 1.36 -19.65 -35.73
N THR A 695 2.28 -19.71 -34.76
CA THR A 695 2.46 -20.93 -33.98
C THR A 695 1.33 -21.11 -32.97
N ILE A 696 0.87 -20.02 -32.36
CA ILE A 696 -0.26 -20.10 -31.43
C ILE A 696 -1.49 -20.67 -32.12
N VAL A 697 -1.81 -20.14 -33.30
CA VAL A 697 -2.99 -20.62 -34.02
C VAL A 697 -2.72 -22.00 -34.62
N GLY A 698 -1.53 -22.21 -35.19
CA GLY A 698 -1.27 -23.44 -35.91
C GLY A 698 -1.12 -24.65 -35.01
N GLN A 699 -0.76 -24.43 -33.74
CA GLN A 699 -0.52 -25.53 -32.82
C GLN A 699 -1.51 -25.53 -31.65
N ASP A 700 -2.56 -24.71 -31.71
CA ASP A 700 -3.60 -24.67 -30.67
C ASP A 700 -2.99 -24.44 -29.28
N ILE A 701 -2.08 -23.47 -29.22
CA ILE A 701 -1.40 -23.15 -27.96
C ILE A 701 -2.42 -22.57 -26.99
N GLY A 702 -2.53 -23.18 -25.81
CA GLY A 702 -3.48 -22.74 -24.81
C GLY A 702 -2.87 -21.95 -23.66
N THR A 703 -1.60 -22.19 -23.38
CA THR A 703 -0.92 -21.54 -22.25
C THR A 703 0.48 -21.10 -22.68
N LEU A 704 0.85 -19.87 -22.34
CA LEU A 704 2.18 -19.38 -22.63
C LEU A 704 2.51 -18.24 -21.67
N HIS A 705 3.80 -17.88 -21.61
CA HIS A 705 4.31 -16.92 -20.67
C HIS A 705 4.86 -15.69 -21.38
N PHE A 706 4.69 -14.53 -20.73
CA PHE A 706 5.27 -13.28 -21.20
C PHE A 706 5.82 -12.50 -20.01
N VAL A 707 6.99 -11.91 -20.19
CA VAL A 707 7.41 -10.83 -19.30
C VAL A 707 6.65 -9.60 -19.77
N PRO A 708 6.22 -8.71 -18.89
CA PRO A 708 5.37 -7.58 -19.30
C PRO A 708 5.88 -6.80 -20.51
N SER A 709 7.20 -6.62 -20.64
CA SER A 709 7.73 -5.94 -21.81
C SER A 709 7.41 -6.70 -23.09
N MET A 710 7.47 -8.03 -23.04
N MET A 710 7.47 -8.03 -23.04
CA MET A 710 7.16 -8.85 -24.20
CA MET A 710 7.15 -8.82 -24.23
C MET A 710 5.66 -8.96 -24.43
C MET A 710 5.65 -9.00 -24.43
N LEU A 711 4.85 -8.88 -23.36
CA LEU A 711 3.40 -8.89 -23.54
C LEU A 711 2.93 -7.64 -24.26
N GLN A 712 3.58 -6.50 -24.01
CA GLN A 712 3.25 -5.28 -24.73
C GLN A 712 3.46 -5.45 -26.23
N ALA A 713 4.58 -6.06 -26.62
CA ALA A 713 4.82 -6.32 -28.03
C ALA A 713 3.81 -7.31 -28.59
N PHE A 714 3.30 -8.22 -27.74
CA PHE A 714 2.32 -9.19 -28.21
C PHE A 714 0.99 -8.54 -28.53
N VAL A 715 0.48 -7.70 -27.63
CA VAL A 715 -0.80 -7.04 -27.87
C VAL A 715 -0.68 -5.98 -28.96
N ASP A 716 0.54 -5.53 -29.27
CA ASP A 716 0.76 -4.59 -30.35
C ASP A 716 1.08 -5.27 -31.68
N SER A 717 1.24 -6.59 -31.69
CA SER A 717 1.60 -7.31 -32.90
C SER A 717 0.37 -7.50 -33.80
N GLU A 718 0.64 -7.67 -35.09
CA GLU A 718 -0.42 -7.85 -36.07
C GLU A 718 -0.97 -9.28 -35.98
N GLY A 719 -2.30 -9.39 -35.96
CA GLY A 719 -2.94 -10.69 -35.88
C GLY A 719 -3.08 -11.25 -34.49
N VAL A 720 -2.85 -10.45 -33.45
CA VAL A 720 -2.96 -10.96 -32.09
C VAL A 720 -4.40 -11.34 -31.76
N GLN A 721 -5.38 -10.68 -32.39
CA GLN A 721 -6.78 -11.01 -32.13
C GLN A 721 -7.19 -12.36 -32.70
N ARG A 722 -6.34 -12.98 -33.52
CA ARG A 722 -6.60 -14.33 -34.01
C ARG A 722 -6.40 -15.38 -32.93
N CYS A 723 -5.76 -15.03 -31.82
CA CYS A 723 -5.42 -16.00 -30.77
C CYS A 723 -6.53 -16.19 -29.76
N ARG A 724 -7.78 -16.32 -30.22
CA ARG A 724 -8.90 -16.49 -29.31
C ARG A 724 -8.95 -17.87 -28.67
N GLY A 725 -8.13 -18.81 -29.12
CA GLY A 725 -8.02 -20.09 -28.46
C GLY A 725 -7.14 -20.11 -27.23
N VAL A 726 -6.40 -19.03 -26.98
CA VAL A 726 -5.50 -19.00 -25.83
C VAL A 726 -6.31 -19.00 -24.55
N ARG A 727 -5.90 -19.84 -23.60
CA ARG A 727 -6.60 -20.00 -22.32
C ARG A 727 -5.97 -19.20 -21.20
N ARG A 728 -4.65 -19.34 -21.02
CA ARG A 728 -3.95 -18.74 -19.90
C ARG A 728 -2.70 -18.01 -20.38
N ILE A 729 -2.49 -16.81 -19.87
CA ILE A 729 -1.25 -16.07 -20.07
C ILE A 729 -0.67 -15.77 -18.69
N VAL A 730 0.53 -16.27 -18.43
CA VAL A 730 1.23 -16.05 -17.16
C VAL A 730 2.22 -14.91 -17.36
N CYS A 731 2.15 -13.90 -16.52
CA CYS A 731 3.09 -12.79 -16.51
C CYS A 731 3.93 -12.83 -15.25
N SER A 732 5.23 -12.67 -15.41
CA SER A 732 6.16 -12.67 -14.29
C SER A 732 7.47 -12.04 -14.74
N GLY A 733 8.32 -11.73 -13.77
CA GLY A 733 9.65 -11.22 -14.00
C GLY A 733 9.77 -9.70 -13.91
N GLU A 734 8.71 -8.97 -14.25
CA GLU A 734 8.70 -7.52 -14.17
C GLU A 734 7.36 -7.09 -13.58
N ALA A 735 7.26 -5.80 -13.28
CA ALA A 735 5.99 -5.23 -12.83
C ALA A 735 5.00 -5.24 -13.97
N LEU A 736 3.78 -5.72 -13.70
CA LEU A 736 2.74 -5.79 -14.72
C LEU A 736 1.90 -4.52 -14.64
N PRO A 737 2.00 -3.60 -15.60
CA PRO A 737 1.17 -2.39 -15.55
C PRO A 737 -0.29 -2.73 -15.79
N GLY A 738 -1.17 -2.08 -15.03
CA GLY A 738 -2.59 -2.32 -15.18
C GLY A 738 -3.12 -1.97 -16.55
N ALA A 739 -2.55 -0.92 -17.18
CA ALA A 739 -3.00 -0.53 -18.51
C ALA A 739 -2.71 -1.62 -19.52
N LEU A 740 -1.57 -2.31 -19.40
CA LEU A 740 -1.27 -3.43 -20.27
C LEU A 740 -2.22 -4.60 -20.01
N ALA A 741 -2.51 -4.87 -18.74
CA ALA A 741 -3.47 -5.93 -18.42
C ALA A 741 -4.84 -5.61 -19.01
N ARG A 742 -5.26 -4.35 -18.94
CA ARG A 742 -6.53 -3.97 -19.55
C ARG A 742 -6.47 -4.03 -21.07
N ARG A 743 -5.30 -3.74 -21.65
CA ARG A 743 -5.15 -3.83 -23.10
C ARG A 743 -5.29 -5.27 -23.58
N LEU A 744 -4.79 -6.23 -22.80
CA LEU A 744 -4.89 -7.63 -23.19
C LEU A 744 -6.35 -8.09 -23.23
N ARG A 745 -7.16 -7.60 -22.29
CA ARG A 745 -8.58 -7.94 -22.30
C ARG A 745 -9.27 -7.47 -23.58
N GLN A 746 -8.97 -6.24 -24.00
CA GLN A 746 -9.59 -5.70 -25.20
C GLN A 746 -9.17 -6.49 -26.45
N GLN A 747 -7.96 -7.05 -26.44
CA GLN A 747 -7.50 -7.81 -27.60
C GLN A 747 -7.97 -9.25 -27.55
N LEU A 748 -7.91 -9.88 -26.38
CA LEU A 748 -8.29 -11.28 -26.21
C LEU A 748 -9.22 -11.37 -25.00
N PRO A 749 -10.52 -11.16 -25.19
CA PRO A 749 -11.44 -11.13 -24.05
C PRO A 749 -11.58 -12.45 -23.30
N GLN A 750 -11.11 -13.55 -23.87
CA GLN A 750 -11.30 -14.86 -23.26
C GLN A 750 -10.12 -15.29 -22.40
N VAL A 751 -8.96 -14.67 -22.55
CA VAL A 751 -7.76 -15.18 -21.90
C VAL A 751 -7.79 -14.86 -20.41
N GLU A 752 -7.33 -15.82 -19.60
CA GLU A 752 -7.18 -15.62 -18.17
C GLU A 752 -5.76 -15.16 -17.90
N LEU A 753 -5.62 -13.91 -17.44
CA LEU A 753 -4.31 -13.33 -17.18
C LEU A 753 -3.95 -13.50 -15.71
N HIS A 754 -2.74 -13.99 -15.44
CA HIS A 754 -2.28 -14.22 -14.08
C HIS A 754 -0.93 -13.55 -13.89
N ASN A 755 -0.78 -12.84 -12.78
CA ASN A 755 0.47 -12.17 -12.43
C ASN A 755 1.16 -12.98 -11.33
N LEU A 756 2.36 -13.46 -11.63
CA LEU A 756 3.12 -14.29 -10.71
C LEU A 756 4.41 -13.58 -10.32
N TYR A 757 4.80 -13.73 -9.06
CA TYR A 757 5.98 -13.07 -8.52
C TYR A 757 6.87 -14.08 -7.82
N GLY A 758 8.18 -13.90 -7.95
CA GLY A 758 9.14 -14.73 -7.26
C GLY A 758 10.51 -14.69 -7.89
N PRO A 759 11.54 -14.67 -7.05
CA PRO A 759 12.92 -14.73 -7.55
C PRO A 759 13.38 -16.18 -7.74
N THR A 760 14.52 -16.31 -8.41
CA THR A 760 15.08 -17.64 -8.66
C THR A 760 15.36 -18.37 -7.35
N GLU A 761 15.80 -17.64 -6.33
CA GLU A 761 16.11 -18.21 -5.02
C GLU A 761 14.89 -18.74 -4.29
N ALA A 762 13.68 -18.60 -4.84
CA ALA A 762 12.47 -19.14 -4.23
C ALA A 762 11.68 -19.99 -5.21
N THR A 763 12.37 -20.64 -6.14
CA THR A 763 11.76 -21.56 -7.10
C THR A 763 10.69 -20.89 -7.95
N VAL A 764 11.15 -20.08 -8.92
CA VAL A 764 10.33 -19.51 -9.98
C VAL A 764 9.35 -18.46 -9.45
N ASP A 765 8.31 -18.91 -8.74
CA ASP A 765 7.25 -18.02 -8.29
C ASP A 765 6.76 -18.44 -6.91
N VAL A 766 6.34 -17.45 -6.12
CA VAL A 766 5.81 -17.71 -4.78
C VAL A 766 4.47 -17.04 -4.53
N THR A 767 4.05 -16.05 -5.31
CA THR A 767 2.72 -15.47 -5.18
C THR A 767 2.07 -15.39 -6.55
N ALA A 768 0.74 -15.32 -6.55
CA ALA A 768 -0.02 -15.27 -7.79
C ALA A 768 -1.28 -14.44 -7.57
N TRP A 769 -1.68 -13.70 -8.60
CA TRP A 769 -2.89 -12.90 -8.57
C TRP A 769 -3.59 -13.02 -9.91
N ALA A 770 -4.84 -13.48 -9.90
CA ALA A 770 -5.63 -13.58 -11.10
C ALA A 770 -6.18 -12.20 -11.46
N CYS A 771 -5.98 -11.80 -12.72
CA CYS A 771 -6.49 -10.51 -13.20
C CYS A 771 -7.92 -10.67 -13.71
N ASP A 772 -8.78 -11.15 -12.82
CA ASP A 772 -10.17 -11.45 -13.16
C ASP A 772 -11.16 -10.44 -12.63
N ALA A 773 -10.70 -9.40 -11.94
CA ALA A 773 -11.61 -8.38 -11.44
C ALA A 773 -12.24 -7.61 -12.60
N ALA A 774 -13.48 -7.18 -12.40
CA ALA A 774 -14.19 -6.45 -13.45
C ALA A 774 -13.47 -5.16 -13.82
N GLU A 775 -12.83 -4.52 -12.84
CA GLU A 775 -12.01 -3.33 -13.08
C GLU A 775 -10.63 -3.57 -12.50
N LEU A 776 -9.61 -3.49 -13.35
CA LEU A 776 -8.24 -3.78 -12.95
C LEU A 776 -7.54 -2.50 -12.50
N PRO A 777 -6.84 -2.52 -11.37
CA PRO A 777 -6.12 -1.32 -10.92
C PRO A 777 -4.86 -1.09 -11.73
N ASP A 778 -4.31 0.12 -11.59
CA ASP A 778 -3.08 0.46 -12.28
C ASP A 778 -1.90 -0.33 -11.73
N ASN A 779 -1.87 -0.55 -10.42
CA ASN A 779 -0.84 -1.36 -9.78
C ASN A 779 -1.44 -2.75 -9.61
N ILE A 780 -1.05 -3.67 -10.49
CA ILE A 780 -1.54 -5.04 -10.43
C ILE A 780 -0.87 -5.74 -9.25
N PRO A 781 -1.64 -6.21 -8.27
CA PRO A 781 -1.02 -6.89 -7.12
C PRO A 781 -0.30 -8.16 -7.54
N ILE A 782 0.73 -8.52 -6.77
CA ILE A 782 1.39 -9.80 -6.99
C ILE A 782 0.67 -10.95 -6.31
N GLY A 783 -0.31 -10.65 -5.45
CA GLY A 783 -1.24 -11.65 -4.98
C GLY A 783 -0.97 -12.25 -3.61
N ARG A 784 -1.33 -13.53 -3.45
CA ARG A 784 -1.24 -14.29 -2.22
C ARG A 784 -0.21 -15.42 -2.37
N PRO A 785 0.43 -15.84 -1.28
CA PRO A 785 1.43 -16.90 -1.38
C PRO A 785 0.81 -18.20 -1.88
N VAL A 786 1.63 -18.98 -2.59
CA VAL A 786 1.20 -20.25 -3.15
C VAL A 786 1.30 -21.33 -2.09
N ASP A 787 1.02 -22.58 -2.48
CA ASP A 787 0.98 -23.69 -1.54
C ASP A 787 2.30 -23.80 -0.76
N ASN A 788 2.17 -23.99 0.55
CA ASN A 788 3.31 -24.27 1.43
C ASN A 788 4.37 -23.17 1.36
N THR A 789 3.95 -21.94 1.10
CA THR A 789 4.83 -20.80 0.99
C THR A 789 4.31 -19.67 1.86
N THR A 790 5.23 -18.98 2.53
CA THR A 790 4.88 -17.87 3.42
C THR A 790 5.57 -16.60 2.94
N MET A 791 4.92 -15.47 3.20
CA MET A 791 5.43 -14.16 2.80
C MET A 791 5.39 -13.22 4.00
N TYR A 792 6.45 -12.42 4.14
CA TYR A 792 6.56 -11.48 5.25
C TYR A 792 7.09 -10.14 4.74
N VAL A 793 6.52 -9.06 5.26
CA VAL A 793 6.95 -7.70 4.95
C VAL A 793 7.55 -7.11 6.21
N LEU A 794 8.87 -7.00 6.25
CA LEU A 794 9.60 -6.67 7.47
C LEU A 794 10.31 -5.33 7.33
N ASP A 795 10.52 -4.67 8.47
CA ASP A 795 11.25 -3.42 8.51
C ASP A 795 12.75 -3.72 8.62
N ALA A 796 13.56 -2.68 8.87
CA ALA A 796 15.00 -2.84 8.94
C ALA A 796 15.45 -3.72 10.10
N HIS A 797 14.59 -3.94 11.09
CA HIS A 797 14.92 -4.74 12.26
C HIS A 797 14.22 -6.10 12.24
N GLY A 798 13.71 -6.53 11.08
CA GLY A 798 13.06 -7.81 10.98
C GLY A 798 11.71 -7.90 11.64
N GLN A 799 11.07 -6.76 11.91
CA GLN A 799 9.76 -6.75 12.54
C GLN A 799 8.67 -6.55 11.49
N PRO A 800 7.51 -7.17 11.66
CA PRO A 800 6.40 -6.94 10.72
C PRO A 800 5.88 -5.51 10.83
N VAL A 801 5.62 -4.91 9.68
CA VAL A 801 5.13 -3.53 9.62
C VAL A 801 3.61 -3.56 9.58
N PRO A 802 2.93 -2.46 9.92
CA PRO A 802 1.47 -2.43 9.82
C PRO A 802 1.01 -2.61 8.38
N THR A 803 -0.26 -2.97 8.24
CA THR A 803 -0.86 -3.14 6.92
C THR A 803 -0.78 -1.85 6.12
N GLY A 804 -0.27 -1.94 4.90
CA GLY A 804 -0.11 -0.81 4.02
C GLY A 804 1.28 -0.18 4.05
N VAL A 805 2.07 -0.45 5.08
CA VAL A 805 3.41 0.12 5.20
C VAL A 805 4.38 -0.69 4.36
N ALA A 806 5.27 0.02 3.66
CA ALA A 806 6.25 -0.63 2.82
C ALA A 806 7.36 -1.26 3.65
N GLY A 807 7.84 -2.43 3.20
CA GLY A 807 8.94 -3.12 3.84
C GLY A 807 9.55 -4.11 2.87
N GLU A 808 10.58 -4.80 3.34
CA GLU A 808 11.30 -5.75 2.50
C GLU A 808 10.62 -7.11 2.51
N ILE A 809 10.40 -7.67 1.33
CA ILE A 809 9.73 -8.95 1.18
C ILE A 809 10.67 -10.06 1.62
N HIS A 810 10.18 -10.93 2.51
CA HIS A 810 10.88 -12.15 2.90
C HIS A 810 10.02 -13.34 2.55
N ILE A 811 10.64 -14.39 2.02
CA ILE A 811 9.94 -15.59 1.54
C ILE A 811 10.34 -16.76 2.42
N GLY A 812 9.34 -17.54 2.85
CA GLY A 812 9.58 -18.76 3.58
C GLY A 812 8.85 -19.93 2.94
N GLY A 813 9.07 -21.11 3.52
CA GLY A 813 8.42 -22.31 3.07
C GLY A 813 9.36 -23.25 2.34
N VAL A 814 8.77 -24.21 1.63
CA VAL A 814 9.54 -25.29 1.03
C VAL A 814 10.27 -24.85 -0.24
N GLN A 815 9.86 -23.75 -0.87
CA GLN A 815 10.45 -23.34 -2.14
C GLN A 815 11.71 -22.49 -1.98
N VAL A 816 12.11 -22.18 -0.74
CA VAL A 816 13.37 -21.47 -0.54
C VAL A 816 14.53 -22.36 -0.95
N ALA A 817 15.37 -21.85 -1.85
CA ALA A 817 16.46 -22.64 -2.44
C ALA A 817 17.48 -23.00 -1.38
N ARG A 818 18.37 -23.93 -1.74
CA ARG A 818 19.41 -24.36 -0.80
C ARG A 818 20.43 -23.24 -0.57
N GLY A 819 20.79 -22.51 -1.62
CA GLY A 819 21.74 -21.43 -1.49
C GLY A 819 22.45 -21.20 -2.82
N TYR A 820 23.53 -20.43 -2.73
CA TYR A 820 24.34 -20.11 -3.90
C TYR A 820 25.52 -21.07 -3.99
N LEU A 821 25.69 -21.68 -5.14
CA LEU A 821 26.75 -22.68 -5.34
C LEU A 821 28.11 -22.00 -5.26
N GLY A 822 28.88 -22.35 -4.22
CA GLY A 822 30.23 -21.85 -4.08
C GLY A 822 30.38 -20.51 -3.38
N ARG A 823 29.28 -19.87 -2.98
CA ARG A 823 29.32 -18.59 -2.29
C ARG A 823 28.60 -18.75 -0.95
N PRO A 824 29.27 -19.35 0.04
CA PRO A 824 28.60 -19.57 1.33
C PRO A 824 28.36 -18.30 2.13
N GLU A 825 29.21 -17.28 1.99
CA GLU A 825 29.00 -16.05 2.76
C GLU A 825 27.79 -15.29 2.26
N LEU A 826 27.61 -15.22 0.94
CA LEU A 826 26.41 -14.57 0.41
C LEU A 826 25.15 -15.37 0.77
N THR A 827 25.26 -16.69 0.88
CA THR A 827 24.11 -17.51 1.24
C THR A 827 23.61 -17.17 2.63
N ARG A 828 24.51 -17.16 3.62
CA ARG A 828 24.10 -16.83 4.98
C ARG A 828 23.62 -15.39 5.10
N GLU A 829 24.01 -14.52 4.17
CA GLU A 829 23.57 -13.13 4.18
C GLU A 829 22.13 -12.98 3.68
N ARG A 830 21.73 -13.81 2.71
CA ARG A 830 20.40 -13.70 2.13
C ARG A 830 19.46 -14.83 2.53
N PHE A 831 19.97 -15.93 3.07
CA PHE A 831 19.15 -17.05 3.55
C PHE A 831 19.29 -17.08 5.07
N VAL A 832 18.32 -16.50 5.76
CA VAL A 832 18.42 -16.27 7.20
C VAL A 832 17.46 -17.21 7.93
N PRO A 833 17.67 -17.48 9.22
CA PRO A 833 16.74 -18.35 9.95
C PRO A 833 15.32 -17.81 9.94
N ASP A 834 14.37 -18.74 9.91
CA ASP A 834 12.95 -18.40 9.90
C ASP A 834 12.43 -18.41 11.34
N PRO A 835 12.12 -17.27 11.93
CA PRO A 835 11.60 -17.26 13.31
C PRO A 835 10.09 -17.39 13.43
N TYR A 836 9.36 -17.58 12.32
CA TYR A 836 7.91 -17.62 12.35
C TYR A 836 7.33 -19.00 12.09
N ALA A 837 8.01 -19.84 11.31
CA ALA A 837 7.41 -21.09 10.85
C ALA A 837 7.20 -22.10 11.98
N GLY A 838 7.86 -21.92 13.12
CA GLY A 838 7.76 -22.92 14.16
C GLY A 838 8.42 -24.23 13.83
N ARG A 839 9.37 -24.23 12.88
CA ARG A 839 10.06 -25.44 12.46
C ARG A 839 11.56 -25.23 12.60
N PRO A 840 12.27 -26.14 13.27
CA PRO A 840 13.72 -25.97 13.42
C PRO A 840 14.44 -26.16 12.09
N GLY A 841 15.30 -25.20 11.75
CA GLY A 841 16.08 -25.28 10.54
C GLY A 841 15.47 -24.56 9.35
N ALA A 842 14.23 -24.08 9.45
CA ALA A 842 13.61 -23.37 8.35
C ALA A 842 14.34 -22.05 8.09
N ARG A 843 14.27 -21.60 6.84
CA ARG A 843 15.02 -20.43 6.40
C ARG A 843 14.14 -19.51 5.58
N LEU A 844 14.43 -18.21 5.68
CA LEU A 844 13.80 -17.18 4.87
C LEU A 844 14.79 -16.66 3.84
N TYR A 845 14.28 -16.20 2.70
CA TYR A 845 15.10 -15.54 1.70
C TYR A 845 14.76 -14.06 1.67
N LYS A 846 15.78 -13.22 1.89
CA LYS A 846 15.63 -11.77 1.79
C LYS A 846 15.71 -11.37 0.33
N THR A 847 14.58 -10.90 -0.23
CA THR A 847 14.49 -10.66 -1.66
C THR A 847 15.19 -9.38 -2.09
N GLY A 848 15.25 -8.38 -1.22
CA GLY A 848 15.64 -7.06 -1.64
C GLY A 848 14.56 -6.30 -2.37
N ASP A 849 13.34 -6.83 -2.42
CA ASP A 849 12.20 -6.17 -3.02
C ASP A 849 11.37 -5.46 -1.95
N LEU A 850 10.78 -4.34 -2.34
CA LEU A 850 9.87 -3.59 -1.48
C LEU A 850 8.43 -3.98 -1.80
N GLY A 851 7.64 -4.23 -0.75
CA GLY A 851 6.26 -4.61 -0.90
C GLY A 851 5.44 -4.14 0.28
N ARG A 852 4.12 -4.32 0.18
CA ARG A 852 3.22 -3.98 1.26
C ARG A 852 1.99 -4.86 1.17
N TRP A 853 1.39 -5.13 2.32
CA TRP A 853 0.13 -5.85 2.37
C TRP A 853 -1.02 -4.89 2.12
N LEU A 854 -1.97 -5.30 1.29
CA LEU A 854 -3.23 -4.59 1.16
C LEU A 854 -4.23 -5.15 2.16
N LEU A 855 -5.26 -4.36 2.47
CA LEU A 855 -6.20 -4.74 3.52
C LEU A 855 -7.02 -5.97 3.16
N ASP A 856 -7.04 -6.37 1.89
CA ASP A 856 -7.74 -7.58 1.47
C ASP A 856 -6.85 -8.82 1.53
N GLY A 857 -5.64 -8.70 2.07
CA GLY A 857 -4.76 -9.86 2.18
C GLY A 857 -3.96 -10.18 0.95
N THR A 858 -3.74 -9.21 0.06
CA THR A 858 -2.95 -9.40 -1.14
C THR A 858 -1.70 -8.52 -1.07
N LEU A 859 -0.63 -8.98 -1.71
CA LEU A 859 0.63 -8.27 -1.71
C LEU A 859 0.76 -7.39 -2.94
N GLU A 860 1.52 -6.30 -2.78
CA GLU A 860 1.72 -5.32 -3.85
C GLU A 860 3.21 -5.05 -3.97
N TYR A 861 3.75 -5.27 -5.17
CA TYR A 861 5.15 -4.98 -5.43
C TYR A 861 5.35 -3.49 -5.62
N LEU A 862 6.36 -2.93 -4.93
CA LEU A 862 6.61 -1.50 -4.94
C LEU A 862 7.93 -1.11 -5.57
N GLY A 863 8.88 -2.03 -5.66
CA GLY A 863 10.17 -1.76 -6.27
C GLY A 863 11.28 -2.43 -5.49
N ARG A 864 12.50 -2.01 -5.77
CA ARG A 864 13.68 -2.55 -5.12
C ARG A 864 13.99 -1.77 -3.84
N ASN A 865 14.59 -2.47 -2.87
CA ASN A 865 14.90 -1.84 -1.60
C ASN A 865 15.96 -0.75 -1.75
N ASP A 866 16.87 -0.92 -2.70
CA ASP A 866 17.92 0.07 -2.94
C ASP A 866 17.58 0.93 -4.16
P AMP B . 12.78 -13.62 -11.98
O1P AMP B . 13.78 -14.48 -11.26
O2P AMP B . 11.40 -14.20 -12.09
O3P AMP B . 13.30 -13.00 -13.26
O5' AMP B . 12.57 -12.38 -11.01
C5' AMP B . 13.67 -11.63 -10.52
C4' AMP B . 13.21 -10.36 -9.85
O4' AMP B . 12.22 -9.71 -10.69
C3' AMP B . 12.51 -10.53 -8.51
O3' AMP B . 13.41 -10.68 -7.43
C2' AMP B . 11.65 -9.28 -8.43
O2' AMP B . 12.44 -8.16 -8.04
C1' AMP B . 11.25 -9.08 -9.89
N9 AMP B . 9.94 -9.69 -10.18
C8 AMP B . 9.71 -10.99 -10.45
N7 AMP B . 8.39 -11.23 -10.68
C5 AMP B . 7.74 -10.05 -10.55
C6 AMP B . 6.35 -9.58 -10.65
N6 AMP B . 5.35 -10.44 -10.95
N1 AMP B . 6.11 -8.26 -10.45
C2 AMP B . 7.09 -7.40 -10.15
N3 AMP B . 8.38 -7.76 -10.03
C4 AMP B . 8.77 -9.04 -10.22
MG MG C . 10.38 -15.63 -10.84
S SO4 D . 26.99 -29.71 -3.42
O1 SO4 D . 26.42 -30.31 -2.21
O2 SO4 D . 27.90 -30.66 -4.05
O3 SO4 D . 25.91 -29.38 -4.35
O4 SO4 D . 27.71 -28.49 -3.07
S SO4 E . 28.72 -24.80 -1.35
O1 SO4 E . 28.28 -25.37 -0.07
O2 SO4 E . 28.90 -25.87 -2.32
O3 SO4 E . 27.71 -23.87 -1.83
O4 SO4 E . 29.98 -24.10 -1.16
S SO4 F . 12.43 -46.88 -29.11
O1 SO4 F . 12.57 -48.33 -29.16
O2 SO4 F . 11.17 -46.52 -28.46
O3 SO4 F . 12.44 -46.33 -30.46
O4 SO4 F . 13.54 -46.31 -28.34
S SO4 G . 15.04 -51.90 -25.32
O1 SO4 G . 15.57 -52.15 -23.98
O2 SO4 G . 15.16 -53.11 -26.12
O3 SO4 G . 13.64 -51.51 -25.23
O4 SO4 G . 15.80 -50.82 -25.95
S SO4 H . -7.76 -5.50 13.62
O1 SO4 H . -6.33 -5.64 13.87
O2 SO4 H . -8.31 -6.78 13.18
O3 SO4 H . -7.99 -4.50 12.59
O4 SO4 H . -8.43 -5.10 14.86
S SO4 I . 23.00 -36.94 1.02
O1 SO4 I . 21.82 -37.43 1.74
O2 SO4 I . 23.26 -37.82 -0.12
O3 SO4 I . 22.73 -35.59 0.54
O4 SO4 I . 24.15 -36.93 1.91
S SO4 J . 25.70 -34.58 -37.17
O1 SO4 J . 25.96 -35.82 -36.46
O2 SO4 J . 25.78 -34.81 -38.60
O3 SO4 J . 24.37 -34.09 -36.83
O4 SO4 J . 26.71 -33.58 -36.78
S SO4 K . -5.40 -33.19 -11.78
O1 SO4 K . -6.11 -33.97 -10.79
O2 SO4 K . -4.02 -33.67 -11.90
O3 SO4 K . -5.38 -31.78 -11.39
O4 SO4 K . -6.06 -33.32 -13.08
S SO4 L . -5.39 -7.96 -35.44
O1 SO4 L . -5.00 -8.72 -34.26
O2 SO4 L . -6.33 -8.74 -36.24
O3 SO4 L . -6.04 -6.71 -35.01
O4 SO4 L . -4.21 -7.64 -36.23
S SO4 M . 17.81 -27.45 3.40
O1 SO4 M . 16.47 -27.81 3.85
O2 SO4 M . 18.71 -28.59 3.57
O3 SO4 M . 17.76 -27.06 2.00
O4 SO4 M . 18.30 -26.33 4.21
S SO4 N . 18.88 -2.89 -7.05
O1 SO4 N . 19.05 -3.08 -5.62
O2 SO4 N . 17.99 -3.91 -7.59
O3 SO4 N . 20.18 -2.99 -7.72
O4 SO4 N . 18.31 -1.57 -7.31
S SO4 O . 5.92 47.42 13.43
O1 SO4 O . 5.11 47.61 14.63
O2 SO4 O . 5.68 46.09 12.89
O3 SO4 O . 5.56 48.43 12.44
O4 SO4 O . 7.33 47.56 13.77
S SO4 P . -5.36 -30.82 -1.92
O1 SO4 P . -5.42 -31.81 -0.85
O2 SO4 P . -6.35 -31.15 -2.94
O3 SO4 P . -5.64 -29.49 -1.38
O4 SO4 P . -4.03 -30.83 -2.52
S SO4 Q . 31.47 -14.79 -28.47
O1 SO4 Q . 31.29 -15.32 -27.12
O2 SO4 Q . 30.79 -15.67 -29.42
O3 SO4 Q . 30.91 -13.45 -28.55
O4 SO4 Q . 32.89 -14.74 -28.79
S SO4 R . 20.16 -9.92 -6.89
O1 SO4 R . 21.18 -10.85 -7.37
O2 SO4 R . 18.98 -10.68 -6.46
O3 SO4 R . 19.79 -9.01 -7.97
O4 SO4 R . 20.69 -9.15 -5.78
S SO4 S . -0.93 -34.53 -11.16
O1 SO4 S . -1.54 -35.79 -10.69
O2 SO4 S . 0.52 -34.60 -10.98
O3 SO4 S . -1.48 -33.42 -10.39
O4 SO4 S . -1.25 -34.35 -12.58
S SO4 T . 0.57 46.84 18.97
O1 SO4 T . 0.94 45.61 19.64
O2 SO4 T . 0.26 46.56 17.57
O3 SO4 T . 1.68 47.79 19.03
O4 SO4 T . -0.61 47.43 19.61
CL CL U . 31.56 -16.59 -0.09
C ACT V . 12.66 -41.24 -4.38
O ACT V . 13.47 -41.23 -3.42
OXT ACT V . 11.44 -40.89 -4.38
CH3 ACT V . 13.24 -41.72 -5.75
C1 GOL W . 16.88 -28.13 18.11
O1 GOL W . 17.98 -28.81 18.60
C2 GOL W . 15.63 -28.67 18.84
O2 GOL W . 15.74 -28.52 20.23
C3 GOL W . 14.44 -27.87 18.25
O3 GOL W . 14.76 -26.52 18.35
C1 GOL X . 13.70 -17.14 -29.29
O1 GOL X . 13.85 -15.79 -29.62
C2 GOL X . 14.57 -17.41 -28.05
O2 GOL X . 13.81 -17.88 -26.98
C3 GOL X . 15.64 -18.43 -28.52
O3 GOL X . 16.30 -18.87 -27.37
C FMT Y . 12.31 -13.90 -20.25
O1 FMT Y . 11.92 -14.39 -19.19
O2 FMT Y . 12.03 -14.36 -21.36
#